data_6UT2
#
_entry.id   6UT2
#
_cell.length_a   1.000
_cell.length_b   1.000
_cell.length_c   1.000
_cell.angle_alpha   90.00
_cell.angle_beta   90.00
_cell.angle_gamma   90.00
#
_symmetry.space_group_name_H-M   'P 1'
#
loop_
_entity.id
_entity.type
_entity.pdbx_description
1 polymer Leiomodin-2
2 polymer 'Tropomyosin alpha-1 chain chimeric peptide'
#
loop_
_entity_poly.entity_id
_entity_poly.type
_entity_poly.pdbx_seq_one_letter_code
_entity_poly.pdbx_strand_id
1 'polypeptide(L)' STFGYRRGLSKYESIDEDELLASLSAEELKELERELEDIE A
2 'polypeptide(L)' GMDAIKKKMQMLKLDNYHLENEVARLKKLVGER B,C
#
# COMPACT_ATOMS: atom_id res chain seq x y z
N SER A 1 17.59 -4.80 19.28
CA SER A 1 16.49 -5.65 18.80
C SER A 1 16.35 -5.62 17.29
N THR A 2 16.35 -6.80 16.67
CA THR A 2 16.13 -7.02 15.23
C THR A 2 14.78 -6.51 14.74
N PHE A 3 13.74 -6.53 15.58
CA PHE A 3 12.38 -6.13 15.19
C PHE A 3 12.27 -4.66 14.73
N GLY A 4 13.20 -3.79 15.15
CA GLY A 4 13.24 -2.37 14.71
C GLY A 4 13.43 -2.19 13.20
N TYR A 5 13.94 -3.20 12.49
CA TYR A 5 14.09 -3.21 11.03
C TYR A 5 12.74 -3.21 10.27
N ARG A 6 11.62 -3.50 10.97
CA ARG A 6 10.24 -3.49 10.40
C ARG A 6 9.15 -2.92 11.31
N ARG A 7 9.26 -2.97 12.64
CA ARG A 7 8.22 -2.41 13.54
C ARG A 7 8.13 -0.89 13.39
N GLY A 8 7.03 -0.43 12.78
CA GLY A 8 6.81 0.96 12.39
C GLY A 8 7.23 1.32 10.95
N LEU A 9 7.41 0.33 10.06
CA LEU A 9 7.81 0.50 8.66
C LEU A 9 7.00 -0.44 7.73
N SER A 10 6.41 0.06 6.64
CA SER A 10 5.68 -0.78 5.67
C SER A 10 6.63 -1.56 4.73
N LYS A 11 6.05 -2.33 3.80
CA LYS A 11 6.76 -3.01 2.69
C LYS A 11 7.36 -2.05 1.64
N TYR A 12 7.12 -0.74 1.76
CA TYR A 12 7.42 0.28 0.74
C TYR A 12 8.08 1.56 1.30
N GLU A 13 8.99 1.44 2.28
CA GLU A 13 9.80 2.56 2.78
C GLU A 13 11.07 2.77 1.94
N SER A 14 10.91 3.09 0.65
CA SER A 14 12.03 3.32 -0.30
C SER A 14 12.09 4.72 -0.92
N ILE A 15 11.08 5.57 -0.69
CA ILE A 15 11.05 7.00 -1.02
C ILE A 15 10.05 7.74 -0.12
N ASP A 16 10.41 8.96 0.29
CA ASP A 16 9.55 9.84 1.09
C ASP A 16 8.47 10.51 0.23
N GLU A 17 7.23 10.60 0.70
CA GLU A 17 6.10 11.15 -0.08
C GLU A 17 6.22 12.67 -0.35
N ASP A 18 7.12 13.37 0.34
CA ASP A 18 7.53 14.74 0.00
C ASP A 18 8.37 14.81 -1.29
N GLU A 19 9.29 13.86 -1.46
CA GLU A 19 10.25 13.83 -2.57
C GLU A 19 9.66 13.13 -3.80
N LEU A 20 8.76 12.15 -3.59
CA LEU A 20 8.00 11.45 -4.63
C LEU A 20 7.16 12.40 -5.51
N LEU A 21 6.57 13.44 -4.91
CA LEU A 21 5.72 14.41 -5.62
C LEU A 21 6.49 15.64 -6.13
N ALA A 22 7.77 15.80 -5.75
CA ALA A 22 8.47 17.08 -5.78
C ALA A 22 8.60 17.74 -7.16
N SER A 23 8.69 16.96 -8.25
CA SER A 23 8.98 17.48 -9.60
C SER A 23 7.75 17.69 -10.51
N LEU A 24 6.53 17.47 -10.00
CA LEU A 24 5.30 17.54 -10.80
C LEU A 24 4.89 19.00 -11.11
N SER A 25 4.25 19.19 -12.26
CA SER A 25 3.61 20.46 -12.64
C SER A 25 2.27 20.71 -11.92
N ALA A 26 1.81 21.96 -11.90
CA ALA A 26 0.57 22.35 -11.22
C ALA A 26 -0.71 21.65 -11.78
N GLU A 27 -0.77 21.37 -13.08
CA GLU A 27 -1.87 20.61 -13.70
C GLU A 27 -1.72 19.08 -13.50
N GLU A 28 -0.49 18.57 -13.35
CA GLU A 28 -0.27 17.18 -12.94
C GLU A 28 -0.70 16.91 -11.50
N LEU A 29 -0.39 17.81 -10.56
CA LEU A 29 -0.81 17.68 -9.17
C LEU A 29 -2.34 17.69 -9.02
N LYS A 30 -3.04 18.49 -9.83
CA LYS A 30 -4.52 18.51 -9.92
C LYS A 30 -5.06 17.16 -10.40
N GLU A 31 -4.54 16.66 -11.51
CA GLU A 31 -4.98 15.39 -12.12
C GLU A 31 -4.58 14.14 -11.30
N LEU A 32 -3.50 14.23 -10.51
CA LEU A 32 -3.09 13.21 -9.55
C LEU A 32 -3.93 13.22 -8.26
N GLU A 33 -4.38 14.39 -7.78
CA GLU A 33 -5.36 14.45 -6.67
C GLU A 33 -6.74 13.93 -7.11
N ARG A 34 -7.15 14.16 -8.38
CA ARG A 34 -8.37 13.58 -8.95
C ARG A 34 -8.34 12.03 -8.95
N GLU A 35 -7.17 11.42 -9.12
CA GLU A 35 -7.01 9.95 -9.09
C GLU A 35 -7.43 9.34 -7.73
N LEU A 36 -7.36 10.11 -6.64
CA LEU A 36 -7.74 9.63 -5.30
C LEU A 36 -9.22 9.20 -5.24
N GLU A 37 -10.08 9.79 -6.07
CA GLU A 37 -11.48 9.35 -6.21
C GLU A 37 -11.56 7.94 -6.82
N ASP A 38 -10.76 7.66 -7.86
CA ASP A 38 -10.72 6.34 -8.52
C ASP A 38 -10.07 5.27 -7.61
N ILE A 39 -9.04 5.65 -6.85
CA ILE A 39 -8.34 4.78 -5.89
C ILE A 39 -9.25 4.29 -4.74
N GLU A 40 -10.21 5.09 -4.28
CA GLU A 40 -11.13 4.72 -3.18
C GLU A 40 -12.31 3.83 -3.59
N GLY B 1 -5.26 19.14 -1.71
CA GLY B 1 -4.01 19.50 -2.38
C GLY B 1 -3.07 18.31 -2.42
N MET B 2 -1.77 18.56 -2.64
CA MET B 2 -0.74 17.50 -2.58
C MET B 2 -0.68 16.77 -1.22
N ASP B 3 -1.14 17.43 -0.15
CA ASP B 3 -1.28 16.89 1.19
C ASP B 3 -2.28 15.72 1.26
N ALA B 4 -3.35 15.75 0.44
CA ALA B 4 -4.30 14.64 0.31
C ALA B 4 -3.64 13.43 -0.38
N ILE B 5 -2.79 13.67 -1.39
CA ILE B 5 -2.01 12.63 -2.07
C ILE B 5 -1.03 11.97 -1.09
N LYS B 6 -0.28 12.78 -0.32
CA LYS B 6 0.62 12.32 0.76
C LYS B 6 -0.15 11.49 1.79
N LYS B 7 -1.27 12.01 2.32
CA LYS B 7 -2.11 11.30 3.29
C LYS B 7 -2.65 9.96 2.76
N LYS B 8 -3.23 9.91 1.55
CA LYS B 8 -3.76 8.65 0.99
C LYS B 8 -2.66 7.63 0.70
N MET B 9 -1.49 8.06 0.21
CA MET B 9 -0.33 7.18 0.04
C MET B 9 0.16 6.59 1.38
N GLN B 10 0.32 7.43 2.41
CA GLN B 10 0.73 7.02 3.75
C GLN B 10 -0.34 6.17 4.47
N MET B 11 -1.62 6.39 4.19
CA MET B 11 -2.75 5.57 4.66
C MET B 11 -2.74 4.18 3.99
N LEU B 12 -2.54 4.09 2.68
CA LEU B 12 -2.43 2.82 1.96
C LEU B 12 -1.22 1.99 2.44
N LYS B 13 -0.08 2.65 2.72
CA LYS B 13 1.09 2.01 3.35
C LYS B 13 0.81 1.49 4.77
N LEU B 14 -0.04 2.18 5.55
CA LEU B 14 -0.48 1.71 6.88
C LEU B 14 -1.46 0.53 6.79
N ASP B 15 -2.39 0.53 5.84
CA ASP B 15 -3.29 -0.62 5.56
C ASP B 15 -2.50 -1.86 5.11
N ASN B 16 -1.53 -1.65 4.22
CA ASN B 16 -0.56 -2.68 3.81
C ASN B 16 0.23 -3.23 5.01
N TYR B 17 0.70 -2.37 5.91
CA TYR B 17 1.38 -2.77 7.15
C TYR B 17 0.46 -3.59 8.08
N HIS B 18 -0.80 -3.20 8.28
CA HIS B 18 -1.77 -3.97 9.08
C HIS B 18 -2.05 -5.35 8.47
N LEU B 19 -2.17 -5.44 7.14
CA LEU B 19 -2.34 -6.71 6.43
C LEU B 19 -1.09 -7.61 6.50
N GLU B 20 0.12 -7.05 6.36
CA GLU B 20 1.37 -7.78 6.58
C GLU B 20 1.50 -8.30 8.03
N ASN B 21 1.04 -7.52 9.03
CA ASN B 21 0.97 -7.95 10.44
C ASN B 21 -0.08 -9.06 10.67
N GLU B 22 -1.18 -9.08 9.91
CA GLU B 22 -2.19 -10.14 9.96
C GLU B 22 -1.69 -11.43 9.28
N VAL B 23 -1.04 -11.33 8.12
CA VAL B 23 -0.35 -12.45 7.46
C VAL B 23 0.75 -13.02 8.36
N ALA B 24 1.55 -12.17 9.03
CA ALA B 24 2.57 -12.61 9.98
C ALA B 24 1.97 -13.37 11.18
N ARG B 25 0.84 -12.90 11.74
CA ARG B 25 0.08 -13.62 12.78
C ARG B 25 -0.34 -15.01 12.30
N LEU B 26 -1.00 -15.07 11.15
CA LEU B 26 -1.56 -16.32 10.63
C LEU B 26 -0.48 -17.33 10.21
N LYS B 27 0.62 -16.88 9.60
CA LYS B 27 1.81 -17.71 9.34
C LYS B 27 2.36 -18.31 10.64
N LYS B 28 2.50 -17.51 11.70
CA LYS B 28 3.00 -18.02 12.99
C LYS B 28 2.05 -19.04 13.62
N LEU B 29 0.74 -18.82 13.55
CA LEU B 29 -0.27 -19.77 14.04
C LEU B 29 -0.26 -21.12 13.29
N VAL B 30 0.22 -21.16 12.04
CA VAL B 30 0.46 -22.40 11.26
C VAL B 30 1.75 -23.15 11.68
N GLY B 31 2.44 -22.69 12.74
CA GLY B 31 3.60 -23.39 13.33
C GLY B 31 4.96 -22.98 12.75
N GLU B 32 5.01 -21.89 12.00
CA GLU B 32 6.24 -21.29 11.45
C GLU B 32 7.15 -20.70 12.57
N ARG B 33 8.28 -20.07 12.18
CA ARG B 33 9.28 -19.51 13.10
C ARG B 33 8.93 -18.10 13.57
N GLY C 1 4.72 11.53 -16.67
CA GLY C 1 5.04 12.12 -15.37
C GLY C 1 4.21 11.50 -14.27
N MET C 2 3.19 12.22 -13.78
CA MET C 2 2.32 11.79 -12.67
C MET C 2 1.53 10.49 -12.92
N ASP C 3 1.34 10.08 -14.17
CA ASP C 3 0.65 8.85 -14.56
C ASP C 3 1.35 7.58 -14.03
N ALA C 4 2.68 7.58 -13.94
CA ALA C 4 3.42 6.52 -13.26
C ALA C 4 3.10 6.46 -11.74
N ILE C 5 2.81 7.59 -11.10
CA ILE C 5 2.44 7.68 -9.68
C ILE C 5 0.97 7.27 -9.47
N LYS C 6 0.07 7.62 -10.41
CA LYS C 6 -1.32 7.10 -10.43
C LYS C 6 -1.32 5.57 -10.36
N LYS C 7 -0.60 4.93 -11.29
CA LYS C 7 -0.49 3.47 -11.35
C LYS C 7 0.16 2.88 -10.10
N LYS C 8 1.16 3.54 -9.53
CA LYS C 8 1.81 3.16 -8.25
C LYS C 8 0.82 3.14 -7.08
N MET C 9 -0.10 4.10 -6.99
CA MET C 9 -1.14 4.12 -5.96
C MET C 9 -2.26 3.10 -6.22
N GLN C 10 -2.72 2.93 -7.48
CA GLN C 10 -3.69 1.88 -7.83
C GLN C 10 -3.16 0.47 -7.51
N MET C 11 -1.85 0.23 -7.67
CA MET C 11 -1.19 -1.04 -7.35
C MET C 11 -1.33 -1.42 -5.87
N LEU C 12 -1.28 -0.47 -4.93
CA LEU C 12 -1.41 -0.78 -3.49
C LEU C 12 -2.78 -1.37 -3.14
N LYS C 13 -3.86 -0.95 -3.83
CA LYS C 13 -5.21 -1.55 -3.65
C LYS C 13 -5.23 -3.03 -4.09
N LEU C 14 -4.41 -3.40 -5.08
CA LEU C 14 -4.24 -4.77 -5.59
C LEU C 14 -3.31 -5.63 -4.70
N ASP C 15 -2.21 -5.09 -4.19
CA ASP C 15 -1.38 -5.79 -3.18
C ASP C 15 -2.20 -6.09 -1.92
N ASN C 16 -2.97 -5.11 -1.43
CA ASN C 16 -3.89 -5.30 -0.29
C ASN C 16 -5.00 -6.33 -0.61
N TYR C 17 -5.45 -6.46 -1.87
CA TYR C 17 -6.36 -7.55 -2.30
C TYR C 17 -5.67 -8.92 -2.29
N HIS C 18 -4.43 -9.05 -2.80
CA HIS C 18 -3.65 -10.29 -2.71
C HIS C 18 -3.45 -10.71 -1.24
N LEU C 19 -3.11 -9.75 -0.38
CA LEU C 19 -2.96 -9.96 1.07
C LEU C 19 -4.28 -10.38 1.74
N GLU C 20 -5.41 -9.71 1.48
CA GLU C 20 -6.70 -10.13 2.06
C GLU C 20 -7.09 -11.55 1.62
N ASN C 21 -6.83 -11.91 0.36
CA ASN C 21 -7.07 -13.26 -0.13
C ASN C 21 -6.19 -14.33 0.54
N GLU C 22 -4.94 -14.00 0.84
CA GLU C 22 -4.04 -14.87 1.60
C GLU C 22 -4.42 -14.96 3.08
N VAL C 23 -4.83 -13.85 3.70
CA VAL C 23 -5.41 -13.82 5.05
C VAL C 23 -6.63 -14.74 5.14
N ALA C 24 -7.55 -14.66 4.17
CA ALA C 24 -8.70 -15.56 4.09
C ALA C 24 -8.30 -17.04 3.92
N ARG C 25 -7.31 -17.33 3.05
CA ARG C 25 -6.81 -18.69 2.80
C ARG C 25 -6.14 -19.31 4.04
N LEU C 26 -5.33 -18.53 4.76
CA LEU C 26 -4.67 -18.94 6.00
C LEU C 26 -5.65 -19.07 7.17
N LYS C 27 -6.63 -18.16 7.33
CA LYS C 27 -7.71 -18.30 8.32
C LYS C 27 -8.53 -19.58 8.10
N LYS C 28 -8.68 -20.03 6.85
CA LYS C 28 -9.28 -21.33 6.49
C LYS C 28 -8.41 -22.50 6.96
N LEU C 29 -7.12 -22.48 6.63
CA LEU C 29 -6.15 -23.52 6.96
C LEU C 29 -5.98 -23.75 8.49
N VAL C 30 -5.97 -22.66 9.26
CA VAL C 30 -5.81 -22.66 10.73
C VAL C 30 -7.15 -22.66 11.50
N GLY C 31 -8.28 -22.81 10.80
CA GLY C 31 -9.61 -22.99 11.40
C GLY C 31 -10.24 -21.76 12.05
N GLU C 32 -9.66 -20.56 11.91
CA GLU C 32 -10.23 -19.31 12.44
C GLU C 32 -11.46 -18.82 11.64
N ARG C 33 -11.55 -19.18 10.36
CA ARG C 33 -12.62 -18.81 9.42
C ARG C 33 -13.91 -19.60 9.67
N SER A 1 13.89 -11.88 6.40
CA SER A 1 12.92 -12.24 7.46
C SER A 1 11.81 -13.10 6.91
N THR A 2 10.89 -13.58 7.77
CA THR A 2 9.64 -14.23 7.34
C THR A 2 8.63 -13.19 6.84
N PHE A 3 7.82 -13.58 5.86
CA PHE A 3 6.78 -12.77 5.20
C PHE A 3 5.65 -13.66 4.67
N GLY A 4 4.51 -13.05 4.32
CA GLY A 4 3.41 -13.70 3.58
C GLY A 4 3.27 -13.24 2.13
N TYR A 5 4.16 -12.39 1.62
CA TYR A 5 4.04 -11.75 0.30
C TYR A 5 5.40 -11.27 -0.24
N ARG A 6 5.48 -10.95 -1.54
CA ARG A 6 6.71 -10.45 -2.21
C ARG A 6 7.28 -9.21 -1.53
N ARG A 7 8.58 -8.96 -1.75
CA ARG A 7 9.23 -7.67 -1.45
C ARG A 7 9.11 -6.70 -2.64
N GLY A 8 9.44 -5.43 -2.41
CA GLY A 8 9.52 -4.40 -3.46
C GLY A 8 10.65 -4.66 -4.46
N LEU A 9 10.39 -4.40 -5.74
CA LEU A 9 11.33 -4.62 -6.86
C LEU A 9 11.07 -3.69 -8.07
N SER A 10 9.84 -3.21 -8.24
CA SER A 10 9.50 -2.25 -9.31
C SER A 10 10.02 -0.84 -9.01
N LYS A 11 10.33 -0.06 -10.04
CA LYS A 11 10.78 1.33 -9.91
C LYS A 11 9.76 2.24 -9.21
N TYR A 12 8.48 2.09 -9.54
CA TYR A 12 7.41 2.98 -9.04
C TYR A 12 7.18 2.86 -7.53
N GLU A 13 7.27 1.65 -6.98
CA GLU A 13 7.13 1.41 -5.54
C GLU A 13 8.40 1.78 -4.76
N SER A 14 9.59 1.59 -5.36
CA SER A 14 10.89 1.67 -4.69
C SER A 14 11.42 3.09 -4.41
N ILE A 15 10.90 4.10 -5.11
CA ILE A 15 11.24 5.52 -4.90
C ILE A 15 10.24 6.19 -3.93
N ASP A 16 10.71 7.16 -3.16
CA ASP A 16 9.87 7.98 -2.27
C ASP A 16 8.93 8.88 -3.08
N GLU A 17 7.67 9.01 -2.66
CA GLU A 17 6.70 9.84 -3.40
C GLU A 17 7.01 11.34 -3.37
N ASP A 18 7.86 11.82 -2.45
CA ASP A 18 8.12 13.26 -2.28
C ASP A 18 8.79 13.90 -3.49
N GLU A 19 9.76 13.21 -4.11
CA GLU A 19 10.42 13.69 -5.35
C GLU A 19 9.43 13.73 -6.52
N LEU A 20 8.53 12.75 -6.62
CA LEU A 20 7.49 12.70 -7.66
C LEU A 20 6.48 13.83 -7.48
N LEU A 21 6.01 14.05 -6.25
CA LEU A 21 5.08 15.10 -5.88
C LEU A 21 5.68 16.51 -6.00
N ALA A 22 6.97 16.68 -5.70
CA ALA A 22 7.71 17.93 -5.92
C ALA A 22 7.97 18.21 -7.41
N SER A 23 8.09 17.20 -8.26
CA SER A 23 8.37 17.36 -9.70
C SER A 23 7.21 17.96 -10.50
N LEU A 24 5.97 17.58 -10.16
CA LEU A 24 4.77 17.99 -10.89
C LEU A 24 4.39 19.46 -10.68
N SER A 25 3.87 20.10 -11.74
CA SER A 25 3.26 21.42 -11.65
C SER A 25 1.92 21.37 -10.90
N ALA A 26 1.47 22.52 -10.38
CA ALA A 26 0.20 22.62 -9.66
C ALA A 26 -1.02 22.15 -10.50
N GLU A 27 -0.99 22.39 -11.82
CA GLU A 27 -2.03 21.97 -12.75
C GLU A 27 -2.11 20.43 -12.88
N GLU A 28 -0.96 19.74 -12.94
CA GLU A 28 -0.89 18.28 -12.92
C GLU A 28 -1.33 17.69 -11.57
N LEU A 29 -0.90 18.29 -10.46
CA LEU A 29 -1.30 17.85 -9.10
C LEU A 29 -2.81 17.99 -8.87
N LYS A 30 -3.44 19.03 -9.42
CA LYS A 30 -4.89 19.24 -9.39
C LYS A 30 -5.66 18.15 -10.14
N GLU A 31 -5.18 17.77 -11.33
CA GLU A 31 -5.75 16.65 -12.10
C GLU A 31 -5.54 15.30 -11.40
N LEU A 32 -4.32 15.08 -10.86
CA LEU A 32 -3.90 13.86 -10.21
C LEU A 32 -4.75 13.49 -9.00
N GLU A 33 -5.21 14.46 -8.18
CA GLU A 33 -6.04 14.15 -7.00
C GLU A 33 -7.34 13.41 -7.39
N ARG A 34 -7.98 13.79 -8.51
CA ARG A 34 -9.17 13.11 -9.03
C ARG A 34 -8.82 11.77 -9.71
N GLU A 35 -7.74 11.73 -10.48
CA GLU A 35 -7.22 10.51 -11.12
C GLU A 35 -6.77 9.43 -10.12
N LEU A 36 -6.50 9.80 -8.85
CA LEU A 36 -6.33 8.89 -7.72
C LEU A 36 -7.65 8.57 -6.99
N GLU A 37 -8.61 9.50 -6.93
CA GLU A 37 -9.87 9.32 -6.17
C GLU A 37 -10.76 8.20 -6.74
N ASP A 38 -10.76 7.96 -8.06
CA ASP A 38 -11.45 6.80 -8.65
C ASP A 38 -10.77 5.44 -8.30
N ILE A 39 -9.51 5.42 -7.86
CA ILE A 39 -8.75 4.19 -7.60
C ILE A 39 -9.04 3.60 -6.19
N GLU A 40 -9.21 4.47 -5.18
CA GLU A 40 -9.50 4.16 -3.76
C GLU A 40 -10.47 5.21 -3.19
N GLY B 1 -5.62 18.52 -1.47
CA GLY B 1 -4.37 18.91 -2.12
C GLY B 1 -3.21 18.04 -1.66
N MET B 2 -2.01 18.60 -1.53
CA MET B 2 -0.75 17.84 -1.37
C MET B 2 -0.74 16.86 -0.19
N ASP B 3 -1.07 17.34 1.01
CA ASP B 3 -1.13 16.54 2.24
C ASP B 3 -2.30 15.53 2.23
N ALA B 4 -3.36 15.81 1.46
CA ALA B 4 -4.45 14.84 1.23
C ALA B 4 -4.06 13.73 0.25
N ILE B 5 -3.24 14.01 -0.77
CA ILE B 5 -2.66 12.99 -1.66
C ILE B 5 -1.71 12.07 -0.87
N LYS B 6 -0.87 12.64 0.01
CA LYS B 6 -0.05 11.87 0.95
C LYS B 6 -0.91 11.06 1.95
N LYS B 7 -1.98 11.63 2.51
CA LYS B 7 -2.97 10.93 3.35
C LYS B 7 -3.59 9.73 2.62
N LYS B 8 -4.00 9.88 1.35
CA LYS B 8 -4.57 8.78 0.55
C LYS B 8 -3.62 7.59 0.49
N MET B 9 -2.36 7.80 0.10
CA MET B 9 -1.34 6.74 0.09
C MET B 9 -1.02 6.21 1.50
N GLN B 10 -1.05 7.07 2.53
CA GLN B 10 -0.87 6.65 3.93
C GLN B 10 -1.98 5.70 4.41
N MET B 11 -3.23 5.84 3.93
CA MET B 11 -4.29 4.86 4.22
C MET B 11 -4.00 3.48 3.60
N LEU B 12 -3.46 3.41 2.39
CA LEU B 12 -3.02 2.13 1.80
C LEU B 12 -1.85 1.51 2.58
N LYS B 13 -0.95 2.34 3.10
CA LYS B 13 0.15 1.89 3.98
C LYS B 13 -0.37 1.42 5.35
N LEU B 14 -1.43 2.03 5.88
CA LEU B 14 -2.12 1.57 7.09
C LEU B 14 -2.91 0.26 6.88
N ASP B 15 -3.43 -0.04 5.68
CA ASP B 15 -3.83 -1.42 5.36
C ASP B 15 -2.59 -2.35 5.44
N ASN B 16 -1.52 -1.98 4.72
CA ASN B 16 -0.36 -2.83 4.45
C ASN B 16 0.40 -3.23 5.72
N TYR B 17 0.68 -2.29 6.61
CA TYR B 17 1.49 -2.52 7.82
C TYR B 17 0.73 -3.28 8.92
N HIS B 18 -0.60 -3.38 8.82
CA HIS B 18 -1.34 -4.43 9.54
C HIS B 18 -1.25 -5.77 8.82
N LEU B 19 -1.55 -5.83 7.52
CA LEU B 19 -1.57 -7.07 6.72
C LEU B 19 -0.25 -7.86 6.77
N GLU B 20 0.91 -7.22 6.57
CA GLU B 20 2.23 -7.85 6.62
C GLU B 20 2.53 -8.51 7.99
N ASN B 21 1.96 -7.97 9.08
CA ASN B 21 2.14 -8.47 10.44
C ASN B 21 1.09 -9.55 10.82
N GLU B 22 -0.16 -9.34 10.43
CA GLU B 22 -1.28 -10.29 10.63
C GLU B 22 -1.04 -11.60 9.85
N VAL B 23 -0.53 -11.52 8.61
CA VAL B 23 -0.17 -12.71 7.84
C VAL B 23 0.99 -13.48 8.49
N ALA B 24 1.96 -12.79 9.10
CA ALA B 24 3.05 -13.44 9.84
C ALA B 24 2.56 -14.16 11.11
N ARG B 25 1.60 -13.57 11.84
CA ARG B 25 0.89 -14.24 12.96
C ARG B 25 0.18 -15.51 12.47
N LEU B 26 -0.61 -15.39 11.41
CA LEU B 26 -1.41 -16.49 10.87
C LEU B 26 -0.55 -17.62 10.30
N LYS B 27 0.55 -17.33 9.61
CA LYS B 27 1.50 -18.37 9.12
C LYS B 27 2.09 -19.21 10.25
N LYS B 28 2.35 -18.62 11.43
CA LYS B 28 2.84 -19.34 12.63
C LYS B 28 1.76 -20.20 13.30
N LEU B 29 0.50 -19.75 13.27
CA LEU B 29 -0.66 -20.53 13.74
C LEU B 29 -1.07 -21.66 12.78
N VAL B 30 -0.80 -21.54 11.47
CA VAL B 30 -1.05 -22.61 10.47
C VAL B 30 0.10 -23.60 10.32
N GLY B 31 1.36 -23.14 10.42
CA GLY B 31 2.56 -23.91 10.10
C GLY B 31 3.10 -23.71 8.68
N GLU B 32 2.71 -22.63 7.99
CA GLU B 32 3.17 -22.25 6.65
C GLU B 32 4.54 -21.54 6.72
N ARG B 33 5.48 -21.90 5.84
CA ARG B 33 6.94 -21.78 6.10
C ARG B 33 7.61 -20.43 5.84
N GLY C 1 4.14 10.63 -17.31
CA GLY C 1 4.34 11.67 -16.30
C GLY C 1 3.75 11.29 -14.97
N MET C 2 2.73 12.02 -14.51
CA MET C 2 2.07 11.86 -13.20
C MET C 2 1.59 10.43 -12.88
N ASP C 3 1.42 9.59 -13.88
CA ASP C 3 1.08 8.17 -13.74
C ASP C 3 2.10 7.36 -12.92
N ALA C 4 3.34 7.83 -12.74
CA ALA C 4 4.27 7.21 -11.79
C ALA C 4 3.67 7.09 -10.37
N ILE C 5 2.91 8.09 -9.91
CA ILE C 5 2.21 8.09 -8.62
C ILE C 5 0.97 7.19 -8.68
N LYS C 6 0.19 7.25 -9.78
CA LYS C 6 -0.95 6.35 -10.00
C LYS C 6 -0.52 4.87 -9.94
N LYS C 7 0.62 4.53 -10.53
CA LYS C 7 1.27 3.21 -10.48
C LYS C 7 1.69 2.83 -9.07
N LYS C 8 2.40 3.70 -8.33
CA LYS C 8 2.79 3.44 -6.92
C LYS C 8 1.58 3.09 -6.05
N MET C 9 0.48 3.85 -6.19
CA MET C 9 -0.75 3.59 -5.41
C MET C 9 -1.54 2.36 -5.90
N GLN C 10 -1.73 2.17 -7.21
CA GLN C 10 -2.45 1.01 -7.75
C GLN C 10 -1.71 -0.31 -7.49
N MET C 11 -0.38 -0.32 -7.61
CA MET C 11 0.46 -1.47 -7.25
C MET C 11 0.31 -1.85 -5.77
N LEU C 12 0.39 -0.87 -4.86
CA LEU C 12 0.19 -1.10 -3.43
C LEU C 12 -1.24 -1.60 -3.11
N LYS C 13 -2.27 -1.13 -3.84
CA LYS C 13 -3.64 -1.65 -3.69
C LYS C 13 -3.76 -3.11 -4.11
N LEU C 14 -3.16 -3.49 -5.24
CA LEU C 14 -3.09 -4.89 -5.68
C LEU C 14 -2.28 -5.76 -4.71
N ASP C 15 -1.17 -5.25 -4.18
CA ASP C 15 -0.38 -5.90 -3.13
C ASP C 15 -1.20 -6.16 -1.86
N ASN C 16 -1.95 -5.16 -1.38
CA ASN C 16 -2.87 -5.31 -0.24
C ASN C 16 -3.99 -6.32 -0.52
N TYR C 17 -4.52 -6.36 -1.76
CA TYR C 17 -5.58 -7.29 -2.18
C TYR C 17 -5.12 -8.76 -2.19
N HIS C 18 -3.87 -9.02 -2.62
CA HIS C 18 -3.28 -10.37 -2.55
C HIS C 18 -2.84 -10.75 -1.12
N LEU C 19 -2.35 -9.80 -0.32
CA LEU C 19 -2.12 -10.00 1.12
C LEU C 19 -3.41 -10.37 1.86
N GLU C 20 -4.51 -9.66 1.62
CA GLU C 20 -5.84 -9.98 2.17
C GLU C 20 -6.32 -11.37 1.72
N ASN C 21 -5.96 -11.79 0.50
CA ASN C 21 -6.27 -13.13 0.00
C ASN C 21 -5.49 -14.25 0.68
N GLU C 22 -4.21 -14.05 1.04
CA GLU C 22 -3.45 -15.00 1.86
C GLU C 22 -3.96 -15.01 3.31
N VAL C 23 -4.28 -13.84 3.88
CA VAL C 23 -4.94 -13.73 5.18
C VAL C 23 -6.27 -14.48 5.17
N ALA C 24 -7.08 -14.39 4.10
CA ALA C 24 -8.31 -15.15 3.93
C ALA C 24 -8.09 -16.68 3.78
N ARG C 25 -6.98 -17.12 3.17
CA ARG C 25 -6.58 -18.54 3.12
C ARG C 25 -6.28 -19.05 4.53
N LEU C 26 -5.39 -18.37 5.25
CA LEU C 26 -4.92 -18.79 6.57
C LEU C 26 -6.00 -18.65 7.66
N LYS C 27 -6.76 -17.55 7.69
CA LYS C 27 -7.86 -17.34 8.66
C LYS C 27 -8.93 -18.44 8.59
N LYS C 28 -9.16 -19.05 7.42
CA LYS C 28 -10.10 -20.17 7.31
C LYS C 28 -9.57 -21.43 7.99
N LEU C 29 -8.27 -21.74 7.83
CA LEU C 29 -7.64 -22.90 8.46
C LEU C 29 -7.65 -22.81 10.00
N VAL C 30 -7.39 -21.62 10.56
CA VAL C 30 -7.49 -21.36 12.01
C VAL C 30 -8.90 -20.99 12.49
N GLY C 31 -9.93 -21.05 11.64
CA GLY C 31 -11.32 -20.77 11.99
C GLY C 31 -11.62 -19.32 12.43
N GLU C 32 -10.76 -18.34 12.12
CA GLU C 32 -10.99 -16.90 12.37
C GLU C 32 -11.85 -16.20 11.29
N ARG C 33 -12.05 -16.86 10.15
CA ARG C 33 -12.74 -16.35 8.94
C ARG C 33 -14.24 -16.16 9.17
N SER A 1 -6.43 -19.74 -5.70
CA SER A 1 -5.67 -19.86 -4.44
C SER A 1 -4.54 -18.83 -4.40
N THR A 2 -4.26 -18.28 -3.23
CA THR A 2 -3.07 -17.47 -2.91
C THR A 2 -1.89 -18.31 -2.35
N PHE A 3 -2.07 -19.61 -2.11
CA PHE A 3 -1.01 -20.48 -1.56
C PHE A 3 0.21 -20.54 -2.51
N GLY A 4 1.38 -20.15 -1.97
CA GLY A 4 2.66 -20.05 -2.69
C GLY A 4 3.01 -18.63 -3.14
N TYR A 5 2.03 -17.73 -3.26
CA TYR A 5 2.19 -16.34 -3.69
C TYR A 5 2.69 -15.40 -2.58
N ARG A 6 3.10 -14.16 -2.95
CA ARG A 6 3.44 -12.98 -2.11
C ARG A 6 4.54 -13.14 -1.03
N ARG A 7 5.02 -14.35 -0.78
CA ARG A 7 6.01 -14.72 0.26
C ARG A 7 7.48 -14.31 -0.01
N GLY A 8 7.74 -13.42 -0.96
CA GLY A 8 9.04 -12.77 -1.14
C GLY A 8 9.34 -11.72 -0.06
N LEU A 9 10.56 -11.17 -0.07
CA LEU A 9 11.01 -10.18 0.91
C LEU A 9 10.19 -8.87 0.86
N SER A 10 9.96 -8.24 2.02
CA SER A 10 9.14 -7.03 2.19
C SER A 10 9.65 -6.15 3.34
N LYS A 11 9.24 -4.87 3.40
CA LYS A 11 9.55 -3.91 4.48
C LYS A 11 8.61 -2.69 4.47
N TYR A 12 8.33 -2.14 5.65
CA TYR A 12 7.58 -0.89 5.83
C TYR A 12 8.45 0.24 6.41
N GLU A 13 8.25 1.43 5.84
CA GLU A 13 8.48 2.76 6.42
C GLU A 13 7.31 3.66 6.02
N SER A 14 7.20 4.89 6.55
CA SER A 14 6.10 5.81 6.16
C SER A 14 6.27 6.37 4.74
N ILE A 15 5.36 7.24 4.31
CA ILE A 15 5.36 7.89 2.99
C ILE A 15 6.65 8.70 2.70
N ASP A 16 7.02 8.77 1.43
CA ASP A 16 8.21 9.43 0.89
C ASP A 16 8.22 10.96 1.03
N GLU A 17 9.37 11.57 0.70
CA GLU A 17 9.63 13.02 0.76
C GLU A 17 8.73 13.85 -0.17
N ASP A 18 8.21 14.98 0.30
CA ASP A 18 7.24 15.83 -0.40
C ASP A 18 7.73 16.34 -1.78
N GLU A 19 9.04 16.54 -1.91
CA GLU A 19 9.71 17.02 -3.14
C GLU A 19 9.57 16.03 -4.32
N LEU A 20 9.28 14.75 -4.04
CA LEU A 20 8.99 13.76 -5.07
C LEU A 20 7.64 14.05 -5.77
N LEU A 21 6.62 14.45 -5.01
CA LEU A 21 5.32 14.89 -5.54
C LEU A 21 5.44 16.23 -6.29
N ALA A 22 6.31 17.13 -5.81
CA ALA A 22 6.58 18.42 -6.43
C ALA A 22 7.16 18.33 -7.87
N SER A 23 7.60 17.16 -8.33
CA SER A 23 7.99 16.91 -9.72
C SER A 23 6.82 16.92 -10.72
N LEU A 24 5.59 16.63 -10.26
CA LEU A 24 4.39 16.59 -11.12
C LEU A 24 3.89 18.00 -11.50
N SER A 25 3.41 18.14 -12.74
CA SER A 25 2.63 19.31 -13.17
C SER A 25 1.23 19.33 -12.52
N ALA A 26 0.59 20.50 -12.43
CA ALA A 26 -0.59 20.73 -11.59
C ALA A 26 -1.77 19.79 -11.87
N GLU A 27 -2.13 19.57 -13.14
CA GLU A 27 -3.24 18.65 -13.48
C GLU A 27 -2.84 17.17 -13.37
N GLU A 28 -1.58 16.82 -13.58
CA GLU A 28 -1.06 15.46 -13.36
C GLU A 28 -1.09 15.10 -11.87
N LEU A 29 -0.80 16.07 -10.99
CA LEU A 29 -0.99 15.96 -9.56
C LEU A 29 -2.49 15.85 -9.17
N LYS A 30 -3.40 16.45 -9.96
CA LYS A 30 -4.86 16.27 -9.81
C LYS A 30 -5.34 14.90 -10.28
N GLU A 31 -4.69 14.32 -11.29
CA GLU A 31 -4.92 12.93 -11.70
C GLU A 31 -4.46 11.93 -10.62
N LEU A 32 -3.36 12.22 -9.91
CA LEU A 32 -2.97 11.49 -8.71
C LEU A 32 -3.96 11.71 -7.54
N GLU A 33 -4.59 12.89 -7.42
CA GLU A 33 -5.68 13.09 -6.46
C GLU A 33 -6.93 12.27 -6.80
N ARG A 34 -7.28 12.12 -8.09
CA ARG A 34 -8.38 11.28 -8.58
C ARG A 34 -8.16 9.78 -8.38
N GLU A 35 -6.92 9.31 -8.36
CA GLU A 35 -6.58 7.95 -7.92
C GLU A 35 -6.99 7.72 -6.45
N LEU A 36 -6.94 8.77 -5.63
CA LEU A 36 -7.20 8.74 -4.18
C LEU A 36 -8.66 9.10 -3.82
N GLU A 37 -9.54 9.28 -4.81
CA GLU A 37 -10.95 9.68 -4.66
C GLU A 37 -11.81 8.66 -3.89
N ASP A 38 -11.45 7.38 -3.89
CA ASP A 38 -12.04 6.36 -2.99
C ASP A 38 -11.74 6.69 -1.52
N ILE A 39 -10.47 7.00 -1.20
CA ILE A 39 -9.98 7.24 0.17
C ILE A 39 -10.53 8.56 0.75
N GLU A 40 -10.66 9.59 -0.09
CA GLU A 40 -11.29 10.89 0.20
C GLU A 40 -12.67 10.73 0.88
N GLY B 1 -5.34 18.65 -2.59
CA GLY B 1 -4.02 19.18 -2.98
C GLY B 1 -2.89 18.34 -2.39
N MET B 2 -1.64 18.75 -2.60
CA MET B 2 -0.44 17.92 -2.31
C MET B 2 -0.35 17.40 -0.86
N ASP B 3 -0.65 18.23 0.14
CA ASP B 3 -0.67 17.81 1.55
C ASP B 3 -1.82 16.84 1.90
N ALA B 4 -2.90 16.80 1.11
CA ALA B 4 -3.94 15.76 1.22
C ALA B 4 -3.55 14.49 0.46
N ILE B 5 -2.92 14.62 -0.72
CA ILE B 5 -2.40 13.51 -1.53
C ILE B 5 -1.39 12.68 -0.71
N LYS B 6 -0.38 13.31 -0.12
CA LYS B 6 0.63 12.63 0.71
C LYS B 6 0.00 11.82 1.85
N LYS B 7 -1.00 12.38 2.53
CA LYS B 7 -1.75 11.70 3.61
C LYS B 7 -2.59 10.52 3.08
N LYS B 8 -3.35 10.70 2.00
CA LYS B 8 -4.13 9.60 1.38
C LYS B 8 -3.23 8.46 0.86
N MET B 9 -2.02 8.77 0.36
CA MET B 9 -1.00 7.75 0.03
C MET B 9 -0.46 7.03 1.28
N GLN B 10 -0.21 7.76 2.38
CA GLN B 10 0.16 7.15 3.68
C GLN B 10 -0.93 6.22 4.22
N MET B 11 -2.22 6.56 4.08
CA MET B 11 -3.33 5.68 4.47
C MET B 11 -3.29 4.33 3.73
N LEU B 12 -3.08 4.34 2.40
CA LEU B 12 -2.95 3.12 1.61
C LEU B 12 -1.73 2.27 2.02
N LYS B 13 -0.64 2.91 2.47
CA LYS B 13 0.57 2.27 3.02
C LYS B 13 0.36 1.72 4.45
N LEU B 14 -0.46 2.37 5.28
CA LEU B 14 -0.86 1.89 6.62
C LEU B 14 -1.78 0.66 6.54
N ASP B 15 -2.71 0.62 5.58
CA ASP B 15 -3.53 -0.58 5.32
C ASP B 15 -2.67 -1.76 4.84
N ASN B 16 -1.64 -1.50 4.03
CA ASN B 16 -0.66 -2.51 3.64
C ASN B 16 0.15 -3.04 4.84
N TYR B 17 0.57 -2.16 5.77
CA TYR B 17 1.24 -2.55 7.02
C TYR B 17 0.34 -3.35 7.97
N HIS B 18 -0.96 -3.03 8.05
CA HIS B 18 -1.96 -3.83 8.77
C HIS B 18 -2.08 -5.24 8.19
N LEU B 19 -2.20 -5.37 6.87
CA LEU B 19 -2.27 -6.67 6.19
C LEU B 19 -0.97 -7.48 6.30
N GLU B 20 0.20 -6.84 6.19
CA GLU B 20 1.51 -7.47 6.41
C GLU B 20 1.66 -8.05 7.82
N ASN B 21 1.14 -7.34 8.84
CA ASN B 21 1.11 -7.84 10.23
C ASN B 21 0.09 -8.98 10.41
N GLU B 22 -1.10 -8.89 9.84
CA GLU B 22 -2.13 -9.93 10.00
C GLU B 22 -1.73 -11.24 9.29
N VAL B 23 -1.09 -11.15 8.12
CA VAL B 23 -0.44 -12.30 7.48
C VAL B 23 0.67 -12.86 8.36
N ALA B 24 1.59 -12.03 8.86
CA ALA B 24 2.68 -12.48 9.74
C ALA B 24 2.18 -13.15 11.03
N ARG B 25 1.07 -12.67 11.60
CA ARG B 25 0.40 -13.27 12.76
C ARG B 25 -0.11 -14.68 12.45
N LEU B 26 -0.89 -14.84 11.37
CA LEU B 26 -1.53 -16.11 11.01
C LEU B 26 -0.53 -17.16 10.48
N LYS B 27 0.53 -16.75 9.75
CA LYS B 27 1.54 -17.65 9.17
C LYS B 27 2.21 -18.55 10.21
N LYS B 28 2.46 -18.03 11.42
CA LYS B 28 3.10 -18.76 12.53
C LYS B 28 2.31 -20.02 12.93
N LEU B 29 0.98 -19.94 12.93
CA LEU B 29 0.08 -21.02 13.32
C LEU B 29 0.00 -22.15 12.28
N VAL B 30 0.03 -21.80 10.99
CA VAL B 30 -0.09 -22.77 9.88
C VAL B 30 1.26 -23.37 9.44
N GLY B 31 2.38 -22.73 9.79
CA GLY B 31 3.73 -23.23 9.50
C GLY B 31 4.03 -23.34 8.00
N GLU B 32 3.53 -22.41 7.19
CA GLU B 32 3.81 -22.36 5.75
C GLU B 32 5.18 -21.75 5.47
N ARG B 33 5.92 -22.33 4.51
CA ARG B 33 7.33 -21.97 4.19
C ARG B 33 7.56 -21.85 2.69
N GLY C 1 7.02 11.25 -19.46
CA GLY C 1 6.23 10.22 -18.76
C GLY C 1 6.20 10.53 -17.28
N MET C 2 5.01 10.56 -16.67
CA MET C 2 4.80 10.92 -15.26
C MET C 2 3.89 9.92 -14.51
N ASP C 3 3.38 8.89 -15.16
CA ASP C 3 2.39 7.96 -14.57
C ASP C 3 2.92 7.16 -13.36
N ALA C 4 4.23 7.05 -13.19
CA ALA C 4 4.90 6.12 -12.28
C ALA C 4 4.39 6.21 -10.82
N ILE C 5 4.07 7.40 -10.33
CA ILE C 5 3.55 7.59 -8.96
C ILE C 5 2.13 7.02 -8.83
N LYS C 6 1.24 7.28 -9.80
CA LYS C 6 -0.10 6.65 -9.88
C LYS C 6 0.02 5.13 -10.08
N LYS C 7 0.94 4.70 -10.94
CA LYS C 7 1.24 3.28 -11.23
C LYS C 7 1.71 2.52 -9.99
N LYS C 8 2.53 3.11 -9.12
CA LYS C 8 2.92 2.52 -7.82
C LYS C 8 1.73 2.41 -6.85
N MET C 9 0.80 3.37 -6.84
CA MET C 9 -0.45 3.26 -6.05
C MET C 9 -1.42 2.20 -6.57
N GLN C 10 -1.56 2.08 -7.90
CA GLN C 10 -2.31 0.99 -8.55
C GLN C 10 -1.71 -0.39 -8.24
N MET C 11 -0.38 -0.51 -8.21
CA MET C 11 0.31 -1.72 -7.74
C MET C 11 0.01 -1.99 -6.26
N LEU C 12 0.12 -0.97 -5.39
CA LEU C 12 -0.10 -1.11 -3.94
C LEU C 12 -1.54 -1.48 -3.57
N LYS C 13 -2.56 -0.97 -4.26
CA LYS C 13 -3.96 -1.39 -4.02
C LYS C 13 -4.24 -2.82 -4.51
N LEU C 14 -3.58 -3.26 -5.59
CA LEU C 14 -3.61 -4.67 -6.02
C LEU C 14 -2.88 -5.60 -5.03
N ASP C 15 -1.76 -5.14 -4.46
CA ASP C 15 -1.05 -5.80 -3.35
C ASP C 15 -1.99 -5.98 -2.14
N ASN C 16 -2.71 -4.92 -1.75
CA ASN C 16 -3.73 -4.98 -0.69
C ASN C 16 -4.88 -5.96 -0.99
N TYR C 17 -5.41 -6.01 -2.22
CA TYR C 17 -6.46 -6.98 -2.58
C TYR C 17 -5.97 -8.44 -2.48
N HIS C 18 -4.81 -8.76 -3.06
CA HIS C 18 -4.26 -10.13 -2.96
C HIS C 18 -3.81 -10.48 -1.53
N LEU C 19 -3.39 -9.51 -0.72
CA LEU C 19 -3.15 -9.71 0.72
C LEU C 19 -4.45 -9.94 1.51
N GLU C 20 -5.53 -9.20 1.26
CA GLU C 20 -6.82 -9.44 1.93
C GLU C 20 -7.38 -10.84 1.61
N ASN C 21 -7.21 -11.30 0.37
CA ASN C 21 -7.56 -12.67 -0.02
C ASN C 21 -6.63 -13.74 0.58
N GLU C 22 -5.35 -13.46 0.79
CA GLU C 22 -4.44 -14.35 1.53
C GLU C 22 -4.78 -14.40 3.03
N VAL C 23 -5.16 -13.27 3.64
CA VAL C 23 -5.71 -13.24 5.01
C VAL C 23 -7.00 -14.05 5.10
N ALA C 24 -7.91 -13.95 4.12
CA ALA C 24 -9.10 -14.78 4.05
C ALA C 24 -8.77 -16.29 3.92
N ARG C 25 -7.78 -16.67 3.10
CA ARG C 25 -7.29 -18.07 3.00
C ARG C 25 -6.71 -18.54 4.33
N LEU C 26 -5.85 -17.75 4.97
CA LEU C 26 -5.24 -18.07 6.26
C LEU C 26 -6.29 -18.20 7.37
N LYS C 27 -7.31 -17.32 7.40
CA LYS C 27 -8.48 -17.44 8.29
C LYS C 27 -9.29 -18.72 8.05
N LYS C 28 -9.52 -19.10 6.80
CA LYS C 28 -10.12 -20.39 6.43
C LYS C 28 -9.22 -21.58 6.80
N LEU C 29 -7.89 -21.46 6.75
CA LEU C 29 -6.96 -22.56 7.04
C LEU C 29 -6.74 -22.78 8.55
N VAL C 30 -6.66 -21.71 9.34
CA VAL C 30 -6.68 -21.78 10.82
C VAL C 30 -8.07 -22.19 11.33
N GLY C 31 -9.13 -21.80 10.62
CA GLY C 31 -10.51 -22.11 10.98
C GLY C 31 -11.03 -21.15 12.05
N GLU C 32 -11.19 -19.87 11.72
CA GLU C 32 -11.85 -18.88 12.59
C GLU C 32 -13.36 -19.21 12.80
N ARG C 33 -14.05 -18.38 13.59
CA ARG C 33 -15.49 -18.43 13.81
C ARG C 33 -16.05 -17.03 14.03
N SER A 1 11.18 17.08 2.84
CA SER A 1 12.12 17.20 3.98
C SER A 1 12.17 15.94 4.85
N THR A 2 12.63 14.84 4.28
CA THR A 2 12.84 13.55 4.97
C THR A 2 14.34 13.19 4.94
N PHE A 3 15.02 13.34 6.08
CA PHE A 3 16.47 13.15 6.24
C PHE A 3 16.94 11.70 5.94
N GLY A 4 18.14 11.58 5.36
CA GLY A 4 18.76 10.28 5.03
C GLY A 4 19.31 9.53 6.26
N TYR A 5 18.43 8.88 7.03
CA TYR A 5 18.80 7.92 8.07
C TYR A 5 19.50 6.68 7.48
N ARG A 6 20.31 5.97 8.30
CA ARG A 6 21.30 4.98 7.84
C ARG A 6 21.07 3.54 8.33
N ARG A 7 20.20 3.33 9.32
CA ARG A 7 19.77 1.98 9.76
C ARG A 7 18.77 1.35 8.78
N GLY A 8 18.48 0.07 8.98
CA GLY A 8 17.28 -0.56 8.40
C GLY A 8 16.00 0.16 8.85
N LEU A 9 15.12 0.46 7.90
CA LEU A 9 13.84 1.17 8.08
C LEU A 9 12.66 0.23 7.80
N SER A 10 11.63 0.25 8.65
CA SER A 10 10.37 -0.48 8.40
C SER A 10 9.56 0.14 7.24
N LYS A 11 8.67 -0.65 6.61
CA LYS A 11 7.70 -0.14 5.63
C LYS A 11 6.74 0.90 6.25
N TYR A 12 6.48 0.81 7.55
CA TYR A 12 5.74 1.81 8.35
C TYR A 12 6.34 3.23 8.29
N GLU A 13 7.66 3.33 8.27
CA GLU A 13 8.40 4.61 8.28
C GLU A 13 9.04 4.94 6.91
N SER A 14 9.06 4.00 5.96
CA SER A 14 9.49 4.18 4.57
C SER A 14 8.45 4.96 3.74
N ILE A 15 7.98 6.09 4.25
CA ILE A 15 7.00 6.97 3.59
C ILE A 15 7.69 7.84 2.53
N ASP A 16 7.02 8.07 1.40
CA ASP A 16 7.55 8.82 0.26
C ASP A 16 7.62 10.34 0.52
N GLU A 17 8.71 10.96 0.04
CA GLU A 17 9.02 12.39 0.21
C GLU A 17 8.08 13.29 -0.64
N ASP A 18 7.27 14.14 0.01
CA ASP A 18 6.26 14.95 -0.68
C ASP A 18 6.83 16.13 -1.49
N GLU A 19 8.11 16.44 -1.36
CA GLU A 19 8.85 17.32 -2.29
C GLU A 19 8.73 16.83 -3.74
N LEU A 20 8.66 15.51 -3.95
CA LEU A 20 8.46 14.90 -5.26
C LEU A 20 7.06 15.23 -5.83
N LEU A 21 6.03 15.34 -4.98
CA LEU A 21 4.68 15.74 -5.40
C LEU A 21 4.63 17.23 -5.77
N ALA A 22 5.43 18.08 -5.10
CA ALA A 22 5.48 19.50 -5.39
C ALA A 22 5.97 19.80 -6.83
N SER A 23 6.73 18.89 -7.45
CA SER A 23 7.24 19.00 -8.83
C SER A 23 6.18 18.86 -9.94
N LEU A 24 4.96 18.44 -9.61
CA LEU A 24 3.88 18.12 -10.56
C LEU A 24 3.05 19.36 -10.96
N SER A 25 2.51 19.38 -12.18
CA SER A 25 1.55 20.41 -12.60
C SER A 25 0.21 20.31 -11.84
N ALA A 26 -0.55 21.41 -11.83
CA ALA A 26 -1.88 21.46 -11.20
C ALA A 26 -2.87 20.41 -11.77
N GLU A 27 -2.70 20.00 -13.04
CA GLU A 27 -3.50 18.97 -13.69
C GLU A 27 -3.03 17.54 -13.30
N GLU A 28 -1.73 17.31 -13.21
CA GLU A 28 -1.16 16.03 -12.74
C GLU A 28 -1.51 15.73 -11.27
N LEU A 29 -1.66 16.77 -10.43
CA LEU A 29 -2.15 16.63 -9.07
C LEU A 29 -3.62 16.18 -8.98
N LYS A 30 -4.43 16.35 -10.05
CA LYS A 30 -5.77 15.74 -10.18
C LYS A 30 -5.69 14.28 -10.66
N GLU A 31 -4.74 13.98 -11.55
CA GLU A 31 -4.53 12.64 -12.10
C GLU A 31 -4.02 11.63 -11.07
N LEU A 32 -3.14 12.06 -10.15
CA LEU A 32 -2.75 11.26 -8.99
C LEU A 32 -3.88 11.16 -7.94
N GLU A 33 -4.62 12.24 -7.69
CA GLU A 33 -5.79 12.25 -6.81
C GLU A 33 -6.83 11.20 -7.21
N ARG A 34 -7.11 11.05 -8.52
CA ARG A 34 -8.01 10.03 -9.09
C ARG A 34 -7.63 8.60 -8.72
N GLU A 35 -6.34 8.25 -8.72
CA GLU A 35 -5.90 6.89 -8.35
C GLU A 35 -6.12 6.56 -6.86
N LEU A 36 -6.13 7.59 -6.01
CA LEU A 36 -6.30 7.51 -4.56
C LEU A 36 -7.78 7.57 -4.10
N GLU A 37 -8.76 7.61 -5.00
CA GLU A 37 -10.19 7.68 -4.61
C GLU A 37 -10.72 6.38 -4.00
N ASP A 38 -10.25 5.22 -4.47
CA ASP A 38 -10.60 3.91 -3.90
C ASP A 38 -9.99 3.66 -2.50
N ILE A 39 -9.17 4.58 -1.99
CA ILE A 39 -8.65 4.56 -0.61
C ILE A 39 -9.66 5.19 0.36
N GLU A 40 -10.44 6.18 -0.07
CA GLU A 40 -11.38 6.95 0.76
C GLU A 40 -12.40 6.04 1.44
N GLY B 1 -1.43 21.12 -3.95
CA GLY B 1 -0.95 20.36 -2.78
C GLY B 1 -1.81 20.64 -1.58
N MET B 2 -2.33 19.59 -0.95
CA MET B 2 -2.98 19.64 0.36
C MET B 2 -2.83 18.28 1.05
N ASP B 3 -2.56 18.31 2.35
CA ASP B 3 -1.87 17.23 3.06
C ASP B 3 -2.67 15.91 3.16
N ALA B 4 -4.00 15.98 3.00
CA ALA B 4 -4.87 14.81 2.96
C ALA B 4 -4.52 13.84 1.81
N ILE B 5 -3.96 14.34 0.69
CA ILE B 5 -3.52 13.53 -0.45
C ILE B 5 -2.36 12.61 -0.05
N LYS B 6 -1.30 13.15 0.56
CA LYS B 6 -0.18 12.33 1.04
C LYS B 6 -0.59 11.38 2.17
N LYS B 7 -1.58 11.77 3.01
CA LYS B 7 -2.15 10.87 4.03
C LYS B 7 -2.88 9.66 3.41
N LYS B 8 -3.51 9.79 2.22
CA LYS B 8 -4.04 8.61 1.48
C LYS B 8 -2.91 7.66 1.01
N MET B 9 -1.78 8.19 0.54
CA MET B 9 -0.61 7.35 0.21
C MET B 9 -0.02 6.65 1.45
N GLN B 10 0.07 7.37 2.57
CA GLN B 10 0.49 6.80 3.87
C GLN B 10 -0.46 5.67 4.31
N MET B 11 -1.77 5.90 4.30
CA MET B 11 -2.77 4.88 4.64
C MET B 11 -2.66 3.62 3.77
N LEU B 12 -2.48 3.76 2.45
CA LEU B 12 -2.26 2.65 1.53
C LEU B 12 -1.02 1.81 1.90
N LYS B 13 0.10 2.46 2.29
CA LYS B 13 1.33 1.77 2.71
C LYS B 13 1.23 1.19 4.14
N LEU B 14 0.53 1.85 5.06
CA LEU B 14 0.25 1.34 6.41
C LEU B 14 -0.66 0.11 6.40
N ASP B 15 -1.70 0.09 5.55
CA ASP B 15 -2.50 -1.11 5.32
C ASP B 15 -1.67 -2.23 4.66
N ASN B 16 -0.79 -1.92 3.69
CA ASN B 16 0.12 -2.93 3.12
C ASN B 16 1.05 -3.56 4.19
N TYR B 17 1.62 -2.73 5.08
CA TYR B 17 2.43 -3.20 6.21
C TYR B 17 1.61 -4.01 7.24
N HIS B 18 0.37 -3.60 7.52
CA HIS B 18 -0.54 -4.36 8.39
C HIS B 18 -0.88 -5.72 7.79
N LEU B 19 -1.23 -5.75 6.50
CA LEU B 19 -1.58 -6.97 5.77
C LEU B 19 -0.41 -7.96 5.68
N GLU B 20 0.82 -7.54 5.37
CA GLU B 20 1.95 -8.48 5.35
C GLU B 20 2.31 -9.01 6.75
N ASN B 21 2.12 -8.20 7.81
CA ASN B 21 2.26 -8.66 9.19
C ASN B 21 1.15 -9.67 9.58
N GLU B 22 -0.11 -9.42 9.18
CA GLU B 22 -1.23 -10.36 9.40
C GLU B 22 -1.01 -11.67 8.64
N VAL B 23 -0.61 -11.63 7.37
CA VAL B 23 -0.29 -12.84 6.60
C VAL B 23 0.84 -13.62 7.27
N ALA B 24 1.91 -12.96 7.72
CA ALA B 24 2.99 -13.61 8.47
C ALA B 24 2.50 -14.22 9.80
N ARG B 25 1.72 -13.47 10.61
CA ARG B 25 1.19 -13.93 11.90
C ARG B 25 0.30 -15.16 11.72
N LEU B 26 -0.65 -15.09 10.78
CA LEU B 26 -1.61 -16.16 10.53
C LEU B 26 -0.93 -17.40 9.90
N LYS B 27 0.02 -17.24 8.98
CA LYS B 27 0.81 -18.38 8.45
C LYS B 27 1.62 -19.07 9.55
N LYS B 28 2.18 -18.34 10.51
CA LYS B 28 2.90 -18.90 11.68
C LYS B 28 1.97 -19.59 12.69
N LEU B 29 0.68 -19.24 12.74
CA LEU B 29 -0.35 -19.95 13.52
C LEU B 29 -0.88 -21.21 12.80
N VAL B 30 -1.08 -21.16 11.47
CA VAL B 30 -1.51 -22.32 10.66
C VAL B 30 -0.38 -23.34 10.46
N GLY B 31 0.86 -22.87 10.38
CA GLY B 31 2.07 -23.68 10.15
C GLY B 31 2.52 -23.80 8.69
N GLU B 32 2.01 -22.97 7.77
CA GLU B 32 2.34 -22.99 6.33
C GLU B 32 3.83 -22.65 6.06
N ARG B 33 4.40 -23.18 4.96
CA ARG B 33 5.79 -22.89 4.50
C ARG B 33 5.85 -22.82 2.98
N GLY C 1 6.90 11.63 -14.59
CA GLY C 1 6.91 11.86 -13.15
C GLY C 1 5.64 11.34 -12.50
N MET C 2 4.51 12.01 -12.73
CA MET C 2 3.17 11.60 -12.25
C MET C 2 2.83 10.16 -12.64
N ASP C 3 3.14 9.76 -13.88
CA ASP C 3 2.94 8.42 -14.41
C ASP C 3 3.61 7.32 -13.56
N ALA C 4 4.88 7.50 -13.21
CA ALA C 4 5.63 6.58 -12.34
C ALA C 4 5.06 6.54 -10.91
N ILE C 5 4.69 7.71 -10.34
CA ILE C 5 4.08 7.80 -9.00
C ILE C 5 2.72 7.09 -8.99
N LYS C 6 1.89 7.32 -10.01
CA LYS C 6 0.59 6.66 -10.20
C LYS C 6 0.75 5.15 -10.38
N LYS C 7 1.75 4.69 -11.14
CA LYS C 7 2.09 3.25 -11.28
C LYS C 7 2.51 2.63 -9.95
N LYS C 8 3.26 3.34 -9.10
CA LYS C 8 3.61 2.89 -7.73
C LYS C 8 2.35 2.70 -6.87
N MET C 9 1.39 3.62 -6.93
CA MET C 9 0.10 3.47 -6.25
C MET C 9 -0.73 2.30 -6.82
N GLN C 10 -0.75 2.12 -8.15
CA GLN C 10 -1.43 0.99 -8.80
C GLN C 10 -0.85 -0.37 -8.35
N MET C 11 0.48 -0.51 -8.28
CA MET C 11 1.11 -1.75 -7.78
C MET C 11 0.76 -2.04 -6.32
N LEU C 12 0.75 -1.03 -5.44
CA LEU C 12 0.30 -1.20 -4.05
C LEU C 12 -1.19 -1.60 -3.96
N LYS C 13 -2.06 -1.10 -4.85
CA LYS C 13 -3.46 -1.51 -4.94
C LYS C 13 -3.63 -2.95 -5.45
N LEU C 14 -2.78 -3.41 -6.37
CA LEU C 14 -2.74 -4.80 -6.86
C LEU C 14 -2.18 -5.79 -5.82
N ASP C 15 -1.14 -5.39 -5.08
CA ASP C 15 -0.60 -6.14 -3.95
C ASP C 15 -1.61 -6.25 -2.80
N ASN C 16 -2.27 -5.15 -2.41
CA ASN C 16 -3.30 -5.18 -1.37
C ASN C 16 -4.53 -6.01 -1.79
N TYR C 17 -4.91 -6.06 -3.08
CA TYR C 17 -5.99 -6.94 -3.55
C TYR C 17 -5.64 -8.43 -3.40
N HIS C 18 -4.39 -8.81 -3.68
CA HIS C 18 -3.88 -10.16 -3.40
C HIS C 18 -3.94 -10.47 -1.90
N LEU C 19 -3.35 -9.57 -1.09
CA LEU C 19 -3.27 -9.74 0.36
C LEU C 19 -4.63 -9.77 1.07
N GLU C 20 -5.64 -8.99 0.63
CA GLU C 20 -6.99 -9.04 1.21
C GLU C 20 -7.62 -10.44 1.04
N ASN C 21 -7.47 -11.03 -0.15
CA ASN C 21 -7.96 -12.39 -0.43
C ASN C 21 -7.21 -13.45 0.39
N GLU C 22 -5.90 -13.30 0.57
CA GLU C 22 -5.09 -14.21 1.39
C GLU C 22 -5.37 -14.08 2.90
N VAL C 23 -5.57 -12.87 3.41
CA VAL C 23 -6.01 -12.63 4.79
C VAL C 23 -7.42 -13.18 5.02
N ALA C 24 -8.35 -13.03 4.07
CA ALA C 24 -9.69 -13.63 4.16
C ALA C 24 -9.63 -15.17 4.26
N ARG C 25 -8.75 -15.83 3.49
CA ARG C 25 -8.46 -17.27 3.63
C ARG C 25 -7.91 -17.59 5.02
N LEU C 26 -6.85 -16.90 5.43
CA LEU C 26 -6.10 -17.19 6.65
C LEU C 26 -6.88 -16.91 7.94
N LYS C 27 -7.63 -15.81 8.04
CA LYS C 27 -8.50 -15.48 9.19
C LYS C 27 -9.54 -16.57 9.45
N LYS C 28 -10.20 -17.03 8.39
CA LYS C 28 -11.15 -18.16 8.42
C LYS C 28 -10.46 -19.47 8.82
N LEU C 29 -9.26 -19.73 8.30
CA LEU C 29 -8.49 -20.94 8.55
C LEU C 29 -7.93 -21.05 9.99
N VAL C 30 -7.61 -19.94 10.66
CA VAL C 30 -7.27 -19.95 12.10
C VAL C 30 -8.50 -19.91 13.02
N GLY C 31 -9.63 -19.35 12.56
CA GLY C 31 -10.85 -19.16 13.35
C GLY C 31 -10.98 -17.79 14.04
N GLU C 32 -10.41 -16.72 13.47
CA GLU C 32 -10.51 -15.35 14.00
C GLU C 32 -11.71 -14.57 13.44
N ARG C 33 -12.41 -13.86 14.34
CA ARG C 33 -13.31 -12.75 13.98
C ARG C 33 -12.54 -11.55 13.43
N SER A 1 5.54 29.51 -8.75
CA SER A 1 4.66 28.46 -9.32
C SER A 1 3.29 29.00 -9.64
N THR A 2 2.85 28.88 -10.89
CA THR A 2 1.47 29.16 -11.36
C THR A 2 0.42 28.19 -10.79
N PHE A 3 0.83 27.17 -10.04
CA PHE A 3 -0.04 26.11 -9.50
C PHE A 3 -0.19 26.16 -7.96
N GLY A 4 0.24 27.27 -7.34
CA GLY A 4 0.34 27.43 -5.88
C GLY A 4 1.70 26.99 -5.33
N TYR A 5 2.04 27.40 -4.11
CA TYR A 5 3.27 26.95 -3.44
C TYR A 5 3.19 25.46 -3.06
N ARG A 6 4.36 24.80 -3.06
CA ARG A 6 4.53 23.34 -2.86
C ARG A 6 3.72 22.46 -3.85
N ARG A 7 3.34 23.00 -5.02
CA ARG A 7 2.72 22.30 -6.15
C ARG A 7 3.27 22.86 -7.47
N GLY A 8 3.42 22.02 -8.50
CA GLY A 8 3.99 22.40 -9.79
C GLY A 8 5.44 22.91 -9.70
N LEU A 9 6.23 22.38 -8.75
CA LEU A 9 7.64 22.75 -8.55
C LEU A 9 8.54 22.27 -9.71
N SER A 10 9.75 22.84 -9.81
CA SER A 10 10.75 22.38 -10.77
C SER A 10 11.34 21.03 -10.37
N LYS A 11 11.31 20.02 -11.26
CA LYS A 11 11.73 18.63 -10.97
C LYS A 11 13.19 18.52 -10.49
N TYR A 12 14.06 19.39 -10.99
CA TYR A 12 15.47 19.52 -10.57
C TYR A 12 15.66 19.92 -9.09
N GLU A 13 14.63 20.49 -8.47
CA GLU A 13 14.64 21.02 -7.09
C GLU A 13 14.20 19.97 -6.04
N SER A 14 14.33 18.68 -6.37
CA SER A 14 13.93 17.53 -5.56
C SER A 14 14.93 16.36 -5.66
N ILE A 15 14.87 15.39 -4.74
CA ILE A 15 15.68 14.16 -4.76
C ILE A 15 14.88 12.89 -4.39
N ASP A 16 14.26 12.84 -3.21
CA ASP A 16 13.46 11.68 -2.78
C ASP A 16 12.16 11.55 -3.57
N GLU A 17 11.73 10.33 -3.89
CA GLU A 17 10.43 10.10 -4.58
C GLU A 17 9.22 10.39 -3.66
N ASP A 18 9.47 10.61 -2.36
CA ASP A 18 8.51 11.17 -1.40
C ASP A 18 8.39 12.70 -1.46
N GLU A 19 9.38 13.41 -2.01
CA GLU A 19 9.32 14.85 -2.30
C GLU A 19 8.76 15.12 -3.70
N LEU A 20 9.12 14.28 -4.67
CA LEU A 20 8.87 14.45 -6.12
C LEU A 20 7.41 14.75 -6.49
N LEU A 21 6.44 14.28 -5.70
CA LEU A 21 5.00 14.55 -5.87
C LEU A 21 4.69 16.05 -5.99
N ALA A 22 5.41 16.91 -5.27
CA ALA A 22 5.22 18.36 -5.31
C ALA A 22 5.58 19.01 -6.67
N SER A 23 6.32 18.32 -7.53
CA SER A 23 6.66 18.81 -8.88
C SER A 23 5.48 18.80 -9.87
N LEU A 24 4.42 18.05 -9.57
CA LEU A 24 3.27 17.91 -10.46
C LEU A 24 2.40 19.18 -10.46
N SER A 25 2.02 19.66 -11.64
CA SER A 25 1.13 20.80 -11.84
C SER A 25 -0.30 20.51 -11.34
N ALA A 26 -1.14 21.55 -11.25
CA ALA A 26 -2.50 21.43 -10.73
C ALA A 26 -3.39 20.44 -11.51
N GLU A 27 -3.17 20.31 -12.82
CA GLU A 27 -3.86 19.35 -13.71
C GLU A 27 -3.22 17.96 -13.76
N GLU A 28 -1.89 17.81 -13.62
CA GLU A 28 -1.25 16.48 -13.51
C GLU A 28 -1.54 15.82 -12.16
N LEU A 29 -1.39 16.59 -11.06
CA LEU A 29 -1.62 16.10 -9.71
C LEU A 29 -3.08 15.64 -9.50
N LYS A 30 -4.05 16.29 -10.16
CA LYS A 30 -5.47 15.97 -10.00
C LYS A 30 -5.84 14.56 -10.46
N GLU A 31 -5.07 13.96 -11.36
CA GLU A 31 -5.28 12.56 -11.74
C GLU A 31 -4.89 11.60 -10.60
N LEU A 32 -3.86 11.93 -9.81
CA LEU A 32 -3.52 11.20 -8.59
C LEU A 32 -4.51 11.50 -7.45
N GLU A 33 -5.05 12.72 -7.41
CA GLU A 33 -6.15 13.10 -6.51
C GLU A 33 -7.41 12.25 -6.74
N ARG A 34 -7.68 11.83 -7.99
CA ARG A 34 -8.71 10.84 -8.35
C ARG A 34 -8.29 9.39 -8.06
N GLU A 35 -7.05 9.01 -8.37
CA GLU A 35 -6.53 7.64 -8.09
C GLU A 35 -6.55 7.30 -6.60
N LEU A 36 -6.44 8.30 -5.71
CA LEU A 36 -6.55 8.18 -4.25
C LEU A 36 -7.80 8.86 -3.64
N GLU A 37 -8.88 9.02 -4.40
CA GLU A 37 -10.15 9.62 -3.93
C GLU A 37 -10.67 8.93 -2.65
N ASP A 38 -10.79 7.59 -2.69
CA ASP A 38 -11.50 6.71 -1.74
C ASP A 38 -10.97 6.66 -0.28
N ILE A 39 -9.93 7.42 0.06
CA ILE A 39 -9.26 7.42 1.38
C ILE A 39 -9.61 8.71 2.18
N GLU A 40 -10.68 9.41 1.80
CA GLU A 40 -11.17 10.70 2.35
C GLU A 40 -11.50 10.68 3.85
N GLY B 1 -6.02 17.77 -1.97
CA GLY B 1 -4.85 18.66 -2.00
C GLY B 1 -3.55 17.87 -1.90
N MET B 2 -2.40 18.44 -2.31
CA MET B 2 -1.11 17.70 -2.41
C MET B 2 -0.69 17.01 -1.10
N ASP B 3 -0.77 17.73 0.01
CA ASP B 3 -0.46 17.22 1.35
C ASP B 3 -1.35 16.03 1.74
N ALA B 4 -2.67 16.17 1.54
CA ALA B 4 -3.64 15.09 1.75
C ALA B 4 -3.43 13.90 0.80
N ILE B 5 -3.04 14.10 -0.47
CA ILE B 5 -2.68 13.01 -1.39
C ILE B 5 -1.50 12.20 -0.82
N LYS B 6 -0.45 12.87 -0.33
CA LYS B 6 0.69 12.17 0.27
C LYS B 6 0.30 11.48 1.59
N LYS B 7 -0.55 12.10 2.42
CA LYS B 7 -1.07 11.47 3.65
C LYS B 7 -1.90 10.23 3.34
N LYS B 8 -2.84 10.29 2.39
CA LYS B 8 -3.62 9.15 1.89
C LYS B 8 -2.71 8.04 1.34
N MET B 9 -1.68 8.38 0.59
CA MET B 9 -0.67 7.43 0.09
C MET B 9 0.11 6.76 1.24
N GLN B 10 0.50 7.50 2.28
CA GLN B 10 1.15 6.93 3.47
C GLN B 10 0.17 6.02 4.26
N MET B 11 -1.09 6.44 4.45
CA MET B 11 -2.13 5.63 5.10
C MET B 11 -2.38 4.30 4.35
N LEU B 12 -2.33 4.30 3.03
CA LEU B 12 -2.44 3.09 2.22
C LEU B 12 -1.32 2.07 2.54
N LYS B 13 -0.10 2.54 2.84
CA LYS B 13 1.00 1.70 3.37
C LYS B 13 0.75 1.24 4.81
N LEU B 14 0.18 2.08 5.67
CA LEU B 14 -0.12 1.71 7.07
C LEU B 14 -1.12 0.55 7.16
N ASP B 15 -2.10 0.49 6.26
CA ASP B 15 -3.03 -0.64 6.16
C ASP B 15 -2.44 -1.86 5.43
N ASN B 16 -1.55 -1.67 4.44
CA ASN B 16 -0.70 -2.74 3.89
C ASN B 16 0.10 -3.45 5.01
N TYR B 17 0.66 -2.65 5.92
CA TYR B 17 1.36 -3.07 7.12
C TYR B 17 0.43 -3.67 8.21
N HIS B 18 -0.81 -3.18 8.37
CA HIS B 18 -1.82 -3.80 9.25
C HIS B 18 -2.13 -5.23 8.78
N LEU B 19 -2.34 -5.41 7.47
CA LEU B 19 -2.54 -6.71 6.83
C LEU B 19 -1.29 -7.60 6.94
N GLU B 20 -0.07 -7.09 6.74
CA GLU B 20 1.16 -7.92 6.90
C GLU B 20 1.34 -8.39 8.36
N ASN B 21 0.89 -7.63 9.36
CA ASN B 21 0.89 -8.09 10.76
C ASN B 21 -0.26 -9.08 11.06
N GLU B 22 -1.39 -9.03 10.34
CA GLU B 22 -2.40 -10.09 10.41
C GLU B 22 -1.93 -11.38 9.71
N VAL B 23 -1.25 -11.26 8.56
CA VAL B 23 -0.55 -12.38 7.90
C VAL B 23 0.47 -12.99 8.86
N ALA B 24 1.24 -12.19 9.61
CA ALA B 24 2.17 -12.71 10.62
C ALA B 24 1.45 -13.43 11.79
N ARG B 25 0.31 -12.91 12.27
CA ARG B 25 -0.53 -13.57 13.28
C ARG B 25 -0.99 -14.95 12.78
N LEU B 26 -1.45 -15.02 11.53
CA LEU B 26 -1.86 -16.27 10.87
C LEU B 26 -0.66 -17.20 10.56
N LYS B 27 0.52 -16.65 10.26
CA LYS B 27 1.79 -17.39 10.04
C LYS B 27 2.29 -18.10 11.31
N LYS B 28 1.97 -17.58 12.51
CA LYS B 28 2.09 -18.33 13.76
C LYS B 28 1.01 -19.41 13.88
N LEU B 29 -0.26 -19.04 13.72
CA LEU B 29 -1.41 -19.97 13.89
C LEU B 29 -1.34 -21.22 12.98
N VAL B 30 -0.86 -21.10 11.73
CA VAL B 30 -0.67 -22.23 10.81
C VAL B 30 0.51 -23.16 11.19
N GLY B 31 1.30 -22.80 12.20
CA GLY B 31 2.26 -23.67 12.88
C GLY B 31 1.68 -24.49 14.03
N GLU B 32 0.50 -24.12 14.56
CA GLU B 32 -0.13 -24.79 15.71
C GLU B 32 -0.95 -26.04 15.35
N ARG B 33 -1.12 -26.33 14.05
CA ARG B 33 -1.95 -27.41 13.50
C ARG B 33 -1.32 -28.79 13.55
N GLY C 1 7.42 10.65 -15.79
CA GLY C 1 6.66 11.78 -15.20
C GLY C 1 5.58 11.27 -14.25
N MET C 2 4.39 11.89 -14.29
CA MET C 2 3.22 11.48 -13.48
C MET C 2 2.76 10.05 -13.77
N ASP C 3 2.92 9.59 -15.01
CA ASP C 3 2.66 8.21 -15.48
C ASP C 3 3.32 7.14 -14.60
N ALA C 4 4.59 7.30 -14.24
CA ALA C 4 5.34 6.39 -13.37
C ALA C 4 4.84 6.44 -11.91
N ILE C 5 4.40 7.61 -11.44
CA ILE C 5 3.84 7.77 -10.08
C ILE C 5 2.45 7.10 -10.00
N LYS C 6 1.58 7.32 -10.99
CA LYS C 6 0.27 6.65 -11.09
C LYS C 6 0.43 5.13 -11.14
N LYS C 7 1.42 4.61 -11.87
CA LYS C 7 1.74 3.16 -11.88
C LYS C 7 2.07 2.62 -10.48
N LYS C 8 2.92 3.33 -9.72
CA LYS C 8 3.27 2.92 -8.34
C LYS C 8 2.07 2.98 -7.39
N MET C 9 1.17 3.96 -7.54
CA MET C 9 -0.10 4.01 -6.80
C MET C 9 -1.05 2.86 -7.18
N GLN C 10 -1.20 2.55 -8.48
CA GLN C 10 -1.99 1.42 -8.97
C GLN C 10 -1.47 0.08 -8.40
N MET C 11 -0.16 -0.14 -8.43
CA MET C 11 0.47 -1.34 -7.85
C MET C 11 0.17 -1.48 -6.36
N LEU C 12 0.25 -0.39 -5.58
CA LEU C 12 -0.07 -0.43 -4.14
C LEU C 12 -1.57 -0.70 -3.87
N LYS C 13 -2.49 -0.16 -4.70
CA LYS C 13 -3.93 -0.48 -4.62
C LYS C 13 -4.22 -1.97 -4.89
N LEU C 14 -3.53 -2.59 -5.84
CA LEU C 14 -3.64 -4.02 -6.14
C LEU C 14 -2.97 -4.90 -5.05
N ASP C 15 -1.83 -4.48 -4.52
CA ASP C 15 -1.15 -5.14 -3.39
C ASP C 15 -2.03 -5.18 -2.13
N ASN C 16 -2.76 -4.09 -1.82
CA ASN C 16 -3.77 -4.09 -0.75
C ASN C 16 -4.90 -5.11 -1.00
N TYR C 17 -5.42 -5.24 -2.22
CA TYR C 17 -6.41 -6.28 -2.55
C TYR C 17 -5.84 -7.71 -2.38
N HIS C 18 -4.63 -7.96 -2.88
CA HIS C 18 -3.99 -9.27 -2.74
C HIS C 18 -3.62 -9.60 -1.30
N LEU C 19 -3.31 -8.61 -0.44
CA LEU C 19 -3.15 -8.83 1.00
C LEU C 19 -4.48 -9.13 1.72
N GLU C 20 -5.58 -8.44 1.40
CA GLU C 20 -6.93 -8.85 1.85
C GLU C 20 -7.24 -10.30 1.44
N ASN C 21 -6.86 -10.68 0.22
CA ASN C 21 -7.10 -12.02 -0.32
C ASN C 21 -6.16 -13.10 0.25
N GLU C 22 -4.90 -12.77 0.54
CA GLU C 22 -3.95 -13.68 1.20
C GLU C 22 -4.31 -13.88 2.67
N VAL C 23 -4.72 -12.82 3.38
CA VAL C 23 -5.36 -12.91 4.70
C VAL C 23 -6.60 -13.81 4.64
N ALA C 24 -7.46 -13.65 3.64
CA ALA C 24 -8.63 -14.51 3.44
C ALA C 24 -8.26 -15.99 3.20
N ARG C 25 -7.23 -16.28 2.38
CA ARG C 25 -6.71 -17.64 2.15
C ARG C 25 -6.24 -18.28 3.46
N LEU C 26 -5.43 -17.56 4.23
CA LEU C 26 -4.96 -18.02 5.55
C LEU C 26 -6.11 -18.15 6.57
N LYS C 27 -7.10 -17.26 6.53
CA LYS C 27 -8.35 -17.29 7.31
C LYS C 27 -9.35 -18.37 6.84
N LYS C 28 -9.09 -19.04 5.70
CA LYS C 28 -9.65 -20.36 5.38
C LYS C 28 -8.85 -21.48 6.06
N LEU C 29 -7.53 -21.49 5.85
CA LEU C 29 -6.62 -22.58 6.25
C LEU C 29 -6.47 -22.77 7.77
N VAL C 30 -6.57 -21.70 8.58
CA VAL C 30 -6.59 -21.81 10.06
C VAL C 30 -7.86 -22.50 10.59
N GLY C 31 -8.86 -22.72 9.73
CA GLY C 31 -10.04 -23.57 9.96
C GLY C 31 -9.86 -25.05 9.60
N GLU C 32 -8.63 -25.53 9.40
CA GLU C 32 -8.33 -26.95 9.18
C GLU C 32 -7.00 -27.39 9.84
N ARG C 33 -6.84 -28.71 9.93
CA ARG C 33 -5.57 -29.43 9.95
C ARG C 33 -5.64 -30.59 8.96
N SER A 1 12.01 2.85 3.19
CA SER A 1 13.29 3.39 2.70
C SER A 1 13.59 2.79 1.34
N THR A 2 14.19 3.58 0.45
CA THR A 2 14.69 3.16 -0.86
C THR A 2 15.62 1.94 -0.77
N PHE A 3 15.71 1.12 -1.81
CA PHE A 3 16.42 -0.18 -1.85
C PHE A 3 15.83 -1.30 -0.94
N GLY A 4 14.93 -0.95 -0.01
CA GLY A 4 14.14 -1.92 0.76
C GLY A 4 13.19 -2.75 -0.11
N TYR A 5 12.85 -3.95 0.35
CA TYR A 5 12.04 -4.90 -0.43
C TYR A 5 10.61 -4.43 -0.71
N ARG A 6 10.14 -4.74 -1.92
CA ARG A 6 8.75 -4.61 -2.41
C ARG A 6 8.46 -5.83 -3.31
N ARG A 7 7.23 -6.35 -3.28
CA ARG A 7 6.88 -7.60 -3.99
C ARG A 7 6.94 -7.42 -5.51
N GLY A 8 7.49 -8.39 -6.24
CA GLY A 8 7.54 -8.39 -7.71
C GLY A 8 8.34 -7.24 -8.34
N LEU A 9 9.41 -6.79 -7.68
CA LEU A 9 10.34 -5.75 -8.14
C LEU A 9 11.78 -6.10 -7.71
N SER A 10 12.78 -5.61 -8.43
CA SER A 10 14.17 -5.72 -7.99
C SER A 10 14.55 -4.65 -6.95
N LYS A 11 15.46 -4.99 -6.03
CA LYS A 11 16.01 -4.06 -5.02
C LYS A 11 16.58 -2.77 -5.62
N TYR A 12 17.25 -2.86 -6.77
CA TYR A 12 17.91 -1.72 -7.45
C TYR A 12 16.92 -0.69 -8.03
N GLU A 13 15.64 -1.06 -8.19
CA GLU A 13 14.56 -0.23 -8.71
C GLU A 13 13.42 -0.01 -7.68
N SER A 14 13.63 -0.41 -6.42
CA SER A 14 12.72 -0.13 -5.30
C SER A 14 13.02 1.23 -4.66
N ILE A 15 11.98 2.06 -4.54
CA ILE A 15 12.02 3.44 -4.06
C ILE A 15 10.71 3.78 -3.35
N ASP A 16 10.76 4.63 -2.33
CA ASP A 16 9.58 4.99 -1.53
C ASP A 16 8.58 5.90 -2.26
N GLU A 17 7.31 5.70 -1.94
CA GLU A 17 6.16 6.34 -2.58
C GLU A 17 6.17 7.87 -2.37
N ASP A 18 6.58 8.33 -1.18
CA ASP A 18 6.80 9.75 -0.88
C ASP A 18 7.92 10.41 -1.72
N GLU A 19 8.91 9.64 -2.21
CA GLU A 19 9.98 10.15 -3.10
C GLU A 19 9.47 10.31 -4.55
N LEU A 20 8.51 9.48 -4.96
CA LEU A 20 7.78 9.63 -6.22
C LEU A 20 6.80 10.81 -6.14
N LEU A 21 6.12 11.00 -5.00
CA LEU A 21 5.29 12.19 -4.75
C LEU A 21 6.12 13.49 -4.82
N ALA A 22 7.38 13.46 -4.34
CA ALA A 22 8.34 14.56 -4.44
C ALA A 22 8.79 14.91 -5.88
N SER A 23 8.42 14.12 -6.89
CA SER A 23 8.72 14.42 -8.31
C SER A 23 7.70 15.33 -8.99
N LEU A 24 6.52 15.55 -8.40
CA LEU A 24 5.38 16.20 -9.06
C LEU A 24 5.39 17.73 -8.92
N SER A 25 5.04 18.42 -10.01
CA SER A 25 4.82 19.87 -10.04
C SER A 25 3.38 20.24 -9.65
N ALA A 26 3.13 21.54 -9.37
CA ALA A 26 1.89 22.02 -8.76
C ALA A 26 0.61 21.70 -9.56
N GLU A 27 0.60 21.92 -10.88
CA GLU A 27 -0.58 21.67 -11.72
C GLU A 27 -0.82 20.17 -11.94
N GLU A 28 0.22 19.33 -11.87
CA GLU A 28 0.06 17.87 -11.86
C GLU A 28 -0.64 17.39 -10.59
N LEU A 29 -0.35 17.99 -9.44
CA LEU A 29 -0.99 17.67 -8.16
C LEU A 29 -2.48 18.08 -8.17
N LYS A 30 -2.80 19.25 -8.73
CA LYS A 30 -4.18 19.73 -8.95
C LYS A 30 -5.01 18.79 -9.84
N GLU A 31 -4.39 18.22 -10.86
CA GLU A 31 -5.04 17.20 -11.72
C GLU A 31 -5.15 15.85 -11.00
N LEU A 32 -4.07 15.40 -10.35
CA LEU A 32 -4.00 14.12 -9.62
C LEU A 32 -5.04 14.03 -8.50
N GLU A 33 -5.37 15.14 -7.84
CA GLU A 33 -6.37 15.17 -6.76
C GLU A 33 -7.76 14.66 -7.20
N ARG A 34 -8.19 14.99 -8.44
CA ARG A 34 -9.42 14.44 -9.06
C ARG A 34 -9.23 13.14 -9.84
N GLU A 35 -7.99 12.66 -9.96
CA GLU A 35 -7.66 11.34 -10.52
C GLU A 35 -7.40 10.26 -9.46
N LEU A 36 -7.29 10.65 -8.18
CA LEU A 36 -7.18 9.75 -7.03
C LEU A 36 -8.50 9.02 -6.72
N GLU A 37 -9.65 9.62 -7.03
CA GLU A 37 -10.97 9.02 -6.76
C GLU A 37 -11.25 7.77 -7.60
N ASP A 38 -10.64 7.66 -8.79
CA ASP A 38 -10.67 6.47 -9.64
C ASP A 38 -10.08 5.22 -8.95
N ILE A 39 -9.30 5.41 -7.89
CA ILE A 39 -8.64 4.35 -7.08
C ILE A 39 -9.36 4.12 -5.74
N GLU A 40 -10.38 4.92 -5.39
CA GLU A 40 -11.01 4.95 -4.06
C GLU A 40 -11.62 3.63 -3.58
N GLY B 1 -6.04 19.38 -1.37
CA GLY B 1 -4.65 19.79 -1.67
C GLY B 1 -3.69 18.63 -1.50
N MET B 2 -2.40 18.94 -1.37
CA MET B 2 -1.34 17.97 -1.02
C MET B 2 -1.63 17.20 0.27
N ASP B 3 -2.34 17.83 1.21
CA ASP B 3 -2.91 17.21 2.41
C ASP B 3 -3.77 15.98 2.11
N ALA B 4 -4.80 16.15 1.29
CA ALA B 4 -5.70 15.07 0.87
C ALA B 4 -4.96 13.97 0.08
N ILE B 5 -4.06 14.37 -0.82
CA ILE B 5 -3.23 13.43 -1.61
C ILE B 5 -2.36 12.57 -0.68
N LYS B 6 -1.61 13.19 0.25
CA LYS B 6 -0.74 12.49 1.19
C LYS B 6 -1.53 11.62 2.18
N LYS B 7 -2.69 12.07 2.66
CA LYS B 7 -3.58 11.25 3.51
C LYS B 7 -4.10 10.01 2.77
N LYS B 8 -4.67 10.14 1.57
CA LYS B 8 -5.14 9.00 0.75
C LYS B 8 -3.99 8.06 0.35
N MET B 9 -2.79 8.57 0.09
CA MET B 9 -1.59 7.73 -0.10
C MET B 9 -1.21 6.97 1.19
N GLN B 10 -1.19 7.64 2.34
CA GLN B 10 -0.87 7.02 3.62
C GLN B 10 -1.88 5.94 4.02
N MET B 11 -3.17 6.08 3.70
CA MET B 11 -4.18 5.04 3.92
C MET B 11 -3.81 3.72 3.21
N LEU B 12 -3.37 3.78 1.94
CA LEU B 12 -2.93 2.58 1.21
C LEU B 12 -1.68 1.94 1.83
N LYS B 13 -0.70 2.74 2.27
CA LYS B 13 0.51 2.25 2.98
C LYS B 13 0.16 1.60 4.32
N LEU B 14 -0.75 2.21 5.10
CA LEU B 14 -1.19 1.68 6.40
C LEU B 14 -1.91 0.33 6.27
N ASP B 15 -2.84 0.18 5.34
CA ASP B 15 -3.49 -1.12 5.07
C ASP B 15 -2.45 -2.19 4.68
N ASN B 16 -1.49 -1.86 3.80
CA ASN B 16 -0.42 -2.78 3.37
C ASN B 16 0.41 -3.28 4.57
N TYR B 17 0.87 -2.36 5.42
CA TYR B 17 1.72 -2.68 6.57
C TYR B 17 0.94 -3.39 7.70
N HIS B 18 -0.33 -3.03 7.93
CA HIS B 18 -1.17 -3.67 8.95
C HIS B 18 -1.55 -5.11 8.55
N LEU B 19 -1.84 -5.35 7.27
CA LEU B 19 -2.05 -6.70 6.73
C LEU B 19 -0.76 -7.55 6.77
N GLU B 20 0.42 -6.98 6.45
CA GLU B 20 1.70 -7.70 6.58
C GLU B 20 2.00 -8.09 8.05
N ASN B 21 1.67 -7.22 9.01
CA ASN B 21 1.72 -7.51 10.45
C ASN B 21 0.78 -8.67 10.85
N GLU B 22 -0.43 -8.73 10.29
CA GLU B 22 -1.38 -9.83 10.54
C GLU B 22 -0.96 -11.14 9.86
N VAL B 23 -0.39 -11.09 8.65
CA VAL B 23 0.25 -12.25 7.99
C VAL B 23 1.36 -12.82 8.89
N ALA B 24 2.19 -11.98 9.50
CA ALA B 24 3.21 -12.42 10.45
C ALA B 24 2.61 -13.07 11.72
N ARG B 25 1.48 -12.56 12.25
CA ARG B 25 0.75 -13.19 13.37
C ARG B 25 0.25 -14.59 12.99
N LEU B 26 -0.44 -14.70 11.86
CA LEU B 26 -1.00 -15.97 11.38
C LEU B 26 0.08 -17.01 11.08
N LYS B 27 1.25 -16.60 10.54
CA LYS B 27 2.41 -17.47 10.32
C LYS B 27 2.92 -18.14 11.61
N LYS B 28 2.77 -17.50 12.79
CA LYS B 28 3.09 -18.13 14.08
C LYS B 28 2.12 -19.28 14.39
N LEU B 29 0.81 -19.01 14.31
CA LEU B 29 -0.25 -19.99 14.61
C LEU B 29 -0.20 -21.20 13.68
N VAL B 30 0.19 -21.01 12.41
CA VAL B 30 0.31 -22.10 11.41
C VAL B 30 1.28 -23.22 11.86
N GLY B 31 2.28 -22.95 12.71
CA GLY B 31 3.20 -23.97 13.25
C GLY B 31 2.74 -24.69 14.52
N GLU B 32 1.78 -24.15 15.28
CA GLU B 32 1.45 -24.62 16.64
C GLU B 32 0.41 -25.74 16.66
N ARG B 33 0.68 -26.84 17.37
CA ARG B 33 -0.20 -28.01 17.52
C ARG B 33 -0.29 -28.49 18.96
N GLY C 1 5.60 13.69 -13.64
CA GLY C 1 4.65 13.04 -14.54
C GLY C 1 3.67 12.19 -13.75
N MET C 2 2.51 12.74 -13.37
CA MET C 2 1.60 12.06 -12.44
C MET C 2 0.92 10.78 -12.96
N ASP C 3 0.89 10.51 -14.27
CA ASP C 3 0.20 9.32 -14.80
C ASP C 3 0.87 8.01 -14.30
N ALA C 4 2.21 8.02 -14.20
CA ALA C 4 2.98 6.94 -13.61
C ALA C 4 2.71 6.77 -12.11
N ILE C 5 2.37 7.86 -11.39
CA ILE C 5 1.99 7.83 -9.97
C ILE C 5 0.56 7.27 -9.82
N LYS C 6 -0.40 7.65 -10.67
CA LYS C 6 -1.74 7.04 -10.70
C LYS C 6 -1.64 5.51 -10.89
N LYS C 7 -0.80 5.07 -11.84
CA LYS C 7 -0.47 3.65 -12.06
C LYS C 7 0.18 2.99 -10.83
N LYS C 8 1.11 3.68 -10.16
CA LYS C 8 1.80 3.18 -8.94
C LYS C 8 0.82 2.95 -7.79
N MET C 9 -0.08 3.91 -7.53
CA MET C 9 -1.09 3.81 -6.47
C MET C 9 -2.17 2.77 -6.81
N GLN C 10 -2.56 2.64 -8.07
CA GLN C 10 -3.43 1.56 -8.55
C GLN C 10 -2.82 0.16 -8.29
N MET C 11 -1.54 -0.03 -8.62
CA MET C 11 -0.82 -1.28 -8.31
C MET C 11 -0.64 -1.52 -6.81
N LEU C 12 -0.47 -0.47 -5.99
CA LEU C 12 -0.42 -0.60 -4.52
C LEU C 12 -1.75 -1.12 -3.95
N LYS C 13 -2.91 -0.68 -4.47
CA LYS C 13 -4.20 -1.25 -4.04
C LYS C 13 -4.39 -2.71 -4.51
N LEU C 14 -3.82 -3.10 -5.65
CA LEU C 14 -3.77 -4.51 -6.08
C LEU C 14 -2.88 -5.37 -5.16
N ASP C 15 -1.76 -4.81 -4.65
CA ASP C 15 -0.94 -5.43 -3.61
C ASP C 15 -1.74 -5.63 -2.31
N ASN C 16 -2.51 -4.62 -1.87
CA ASN C 16 -3.41 -4.73 -0.72
C ASN C 16 -4.51 -5.80 -0.92
N TYR C 17 -5.09 -5.90 -2.12
CA TYR C 17 -6.05 -6.95 -2.48
C TYR C 17 -5.42 -8.36 -2.42
N HIS C 18 -4.17 -8.51 -2.85
CA HIS C 18 -3.43 -9.77 -2.72
C HIS C 18 -3.01 -10.08 -1.28
N LEU C 19 -2.74 -9.07 -0.45
CA LEU C 19 -2.58 -9.23 1.00
C LEU C 19 -3.88 -9.67 1.69
N GLU C 20 -5.06 -9.14 1.33
CA GLU C 20 -6.33 -9.67 1.85
C GLU C 20 -6.55 -11.13 1.41
N ASN C 21 -6.26 -11.48 0.16
CA ASN C 21 -6.31 -12.88 -0.30
C ASN C 21 -5.38 -13.79 0.51
N GLU C 22 -4.17 -13.31 0.85
CA GLU C 22 -3.20 -14.06 1.68
C GLU C 22 -3.64 -14.18 3.15
N VAL C 23 -4.15 -13.11 3.75
CA VAL C 23 -4.75 -13.13 5.10
C VAL C 23 -5.93 -14.08 5.15
N ALA C 24 -6.86 -14.01 4.18
CA ALA C 24 -7.98 -14.94 4.08
C ALA C 24 -7.52 -16.40 3.91
N ARG C 25 -6.48 -16.65 3.10
CA ARG C 25 -5.88 -17.99 2.92
C ARG C 25 -5.29 -18.53 4.22
N LEU C 26 -4.51 -17.72 4.94
CA LEU C 26 -3.91 -18.09 6.22
C LEU C 26 -4.96 -18.25 7.34
N LYS C 27 -5.99 -17.39 7.40
CA LYS C 27 -7.14 -17.54 8.30
C LYS C 27 -7.89 -18.86 8.05
N LYS C 28 -8.20 -19.18 6.78
CA LYS C 28 -8.78 -20.48 6.40
C LYS C 28 -7.90 -21.66 6.82
N LEU C 29 -6.57 -21.56 6.66
CA LEU C 29 -5.62 -22.61 7.07
C LEU C 29 -5.59 -22.88 8.58
N VAL C 30 -5.79 -21.88 9.44
CA VAL C 30 -5.93 -22.06 10.91
C VAL C 30 -7.38 -22.28 11.38
N GLY C 31 -8.37 -22.10 10.49
CA GLY C 31 -9.79 -22.23 10.80
C GLY C 31 -10.45 -20.99 11.42
N GLU C 32 -9.91 -19.80 11.14
CA GLU C 32 -10.48 -18.52 11.58
C GLU C 32 -11.35 -17.82 10.51
N ARG C 33 -12.34 -17.06 10.97
CA ARG C 33 -13.35 -16.34 10.16
C ARG C 33 -12.94 -14.91 9.80
N SER A 1 -3.78 -19.16 -7.06
CA SER A 1 -3.78 -19.35 -5.60
C SER A 1 -2.71 -18.49 -4.94
N THR A 2 -2.93 -18.02 -3.71
CA THR A 2 -1.95 -17.26 -2.91
C THR A 2 -0.87 -18.14 -2.24
N PHE A 3 -1.10 -19.45 -2.11
CA PHE A 3 -0.17 -20.35 -1.41
C PHE A 3 1.21 -20.42 -2.08
N GLY A 4 2.27 -20.42 -1.26
CA GLY A 4 3.68 -20.50 -1.67
C GLY A 4 4.37 -19.15 -1.91
N TYR A 5 3.62 -18.05 -2.02
CA TYR A 5 4.15 -16.71 -2.25
C TYR A 5 4.44 -15.96 -0.93
N ARG A 6 5.68 -15.48 -0.77
CA ARG A 6 6.18 -14.91 0.49
C ARG A 6 5.85 -13.43 0.65
N ARG A 7 5.03 -13.13 1.66
CA ARG A 7 4.86 -11.79 2.25
C ARG A 7 6.00 -11.45 3.21
N GLY A 8 6.05 -10.19 3.64
CA GLY A 8 7.21 -9.57 4.29
C GLY A 8 8.00 -8.78 3.25
N LEU A 9 7.33 -7.80 2.63
CA LEU A 9 7.77 -7.03 1.46
C LEU A 9 7.53 -5.52 1.64
N SER A 10 6.54 -5.12 2.44
CA SER A 10 6.06 -3.74 2.62
C SER A 10 7.16 -2.73 2.95
N LYS A 11 8.23 -3.15 3.65
CA LYS A 11 9.39 -2.30 3.99
C LYS A 11 10.08 -1.69 2.76
N TYR A 12 10.01 -2.29 1.58
CA TYR A 12 10.59 -1.75 0.34
C TYR A 12 9.97 -0.42 -0.13
N GLU A 13 8.74 -0.11 0.28
CA GLU A 13 8.04 1.14 -0.07
C GLU A 13 7.77 2.03 1.16
N SER A 14 8.57 1.89 2.22
CA SER A 14 8.42 2.61 3.50
C SER A 14 8.72 4.12 3.45
N ILE A 15 9.26 4.64 2.34
CA ILE A 15 9.66 6.04 2.14
C ILE A 15 8.46 6.95 1.82
N ASP A 16 8.51 8.22 2.25
CA ASP A 16 7.61 9.29 1.80
C ASP A 16 7.98 9.82 0.40
N GLU A 17 7.00 9.92 -0.50
CA GLU A 17 7.20 10.17 -1.95
C GLU A 17 7.48 11.64 -2.32
N ASP A 18 8.12 12.40 -1.44
CA ASP A 18 8.22 13.87 -1.54
C ASP A 18 8.91 14.35 -2.82
N GLU A 19 9.99 13.69 -3.23
CA GLU A 19 10.79 14.12 -4.38
C GLU A 19 10.09 13.83 -5.72
N LEU A 20 9.26 12.77 -5.76
CA LEU A 20 8.39 12.49 -6.91
C LEU A 20 7.36 13.62 -7.07
N LEU A 21 6.69 13.99 -5.98
CA LEU A 21 5.70 15.08 -5.95
C LEU A 21 6.31 16.45 -6.29
N ALA A 22 7.54 16.72 -5.81
CA ALA A 22 8.27 17.95 -6.12
C ALA A 22 8.64 18.11 -7.61
N SER A 23 8.79 17.01 -8.35
CA SER A 23 9.06 17.03 -9.80
C SER A 23 7.88 17.56 -10.63
N LEU A 24 6.66 17.48 -10.09
CA LEU A 24 5.41 17.74 -10.81
C LEU A 24 5.07 19.23 -10.88
N SER A 25 4.50 19.63 -12.01
CA SER A 25 3.83 20.92 -12.19
C SER A 25 2.56 21.04 -11.33
N ALA A 26 2.10 22.27 -11.12
CA ALA A 26 0.85 22.53 -10.40
C ALA A 26 -0.36 21.81 -11.02
N GLU A 27 -0.46 21.78 -12.35
CA GLU A 27 -1.56 21.10 -13.05
C GLU A 27 -1.43 19.56 -13.06
N GLU A 28 -0.23 19.01 -12.95
CA GLU A 28 -0.03 17.58 -12.69
C GLU A 28 -0.50 17.19 -11.28
N LEU A 29 -0.26 18.02 -10.25
CA LEU A 29 -0.78 17.79 -8.89
C LEU A 29 -2.30 17.97 -8.80
N LYS A 30 -2.88 18.89 -9.57
CA LYS A 30 -4.34 19.04 -9.71
C LYS A 30 -4.96 17.82 -10.41
N GLU A 31 -4.36 17.32 -11.49
CA GLU A 31 -4.83 16.11 -12.15
C GLU A 31 -4.70 14.87 -11.25
N LEU A 32 -3.58 14.72 -10.54
CA LEU A 32 -3.33 13.61 -9.61
C LEU A 32 -4.37 13.52 -8.48
N GLU A 33 -4.92 14.67 -8.05
CA GLU A 33 -6.02 14.73 -7.09
C GLU A 33 -7.35 14.28 -7.70
N ARG A 34 -7.68 14.70 -8.93
CA ARG A 34 -8.87 14.21 -9.65
C ARG A 34 -8.80 12.69 -9.88
N GLU A 35 -7.62 12.18 -10.20
CA GLU A 35 -7.34 10.76 -10.39
C GLU A 35 -7.56 9.90 -9.13
N LEU A 36 -7.66 10.50 -7.93
CA LEU A 36 -8.06 9.77 -6.71
C LEU A 36 -9.45 9.15 -6.84
N GLU A 37 -10.36 9.78 -7.57
CA GLU A 37 -11.70 9.25 -7.85
C GLU A 37 -11.68 8.03 -8.78
N ASP A 38 -10.63 7.89 -9.61
CA ASP A 38 -10.38 6.67 -10.36
C ASP A 38 -9.69 5.59 -9.51
N ILE A 39 -8.78 5.98 -8.62
CA ILE A 39 -8.12 5.08 -7.67
C ILE A 39 -9.13 4.46 -6.69
N GLU A 40 -10.21 5.13 -6.35
CA GLU A 40 -11.22 4.66 -5.37
C GLU A 40 -11.81 3.28 -5.64
N GLY B 1 -5.73 18.94 -2.10
CA GLY B 1 -4.40 19.27 -2.64
C GLY B 1 -3.43 18.11 -2.46
N MET B 2 -2.13 18.42 -2.42
CA MET B 2 -1.07 17.46 -2.08
C MET B 2 -1.24 16.89 -0.66
N ASP B 3 -1.83 17.70 0.24
CA ASP B 3 -2.27 17.33 1.58
C ASP B 3 -3.08 16.02 1.60
N ALA B 4 -4.17 15.96 0.82
CA ALA B 4 -5.01 14.79 0.66
C ALA B 4 -4.30 13.62 -0.06
N ILE B 5 -3.48 13.91 -1.08
CA ILE B 5 -2.70 12.90 -1.82
C ILE B 5 -1.77 12.13 -0.88
N LYS B 6 -1.05 12.83 0.02
CA LYS B 6 -0.21 12.17 1.04
C LYS B 6 -1.03 11.32 2.01
N LYS B 7 -2.21 11.80 2.48
CA LYS B 7 -3.09 11.01 3.36
C LYS B 7 -3.53 9.70 2.69
N LYS B 8 -4.08 9.74 1.48
CA LYS B 8 -4.55 8.54 0.76
C LYS B 8 -3.40 7.57 0.46
N MET B 9 -2.20 8.09 0.12
CA MET B 9 -1.00 7.26 -0.05
C MET B 9 -0.59 6.55 1.25
N GLN B 10 -0.43 7.28 2.35
CA GLN B 10 0.04 6.71 3.61
C GLN B 10 -0.98 5.72 4.20
N MET B 11 -2.28 5.94 4.01
CA MET B 11 -3.33 4.98 4.38
C MET B 11 -3.22 3.67 3.59
N LEU B 12 -2.98 3.71 2.28
CA LEU B 12 -2.75 2.50 1.47
C LEU B 12 -1.49 1.72 1.89
N LYS B 13 -0.44 2.42 2.37
CA LYS B 13 0.77 1.81 2.97
C LYS B 13 0.49 1.21 4.36
N LEU B 14 -0.30 1.88 5.20
CA LEU B 14 -0.73 1.38 6.52
C LEU B 14 -1.57 0.10 6.41
N ASP B 15 -2.47 0.00 5.42
CA ASP B 15 -3.18 -1.24 5.11
C ASP B 15 -2.21 -2.40 4.83
N ASN B 16 -1.18 -2.15 4.02
CA ASN B 16 -0.17 -3.14 3.63
C ASN B 16 0.64 -3.63 4.86
N TYR B 17 1.07 -2.71 5.74
CA TYR B 17 1.72 -3.07 7.01
C TYR B 17 0.81 -3.91 7.93
N HIS B 18 -0.46 -3.50 8.10
CA HIS B 18 -1.42 -4.19 8.96
C HIS B 18 -1.70 -5.62 8.48
N LEU B 19 -1.91 -5.77 7.17
CA LEU B 19 -2.15 -7.06 6.54
C LEU B 19 -0.93 -7.98 6.59
N GLU B 20 0.29 -7.48 6.34
CA GLU B 20 1.50 -8.31 6.48
C GLU B 20 1.74 -8.77 7.93
N ASN B 21 1.38 -7.95 8.93
CA ASN B 21 1.42 -8.35 10.34
C ASN B 21 0.40 -9.46 10.69
N GLU B 22 -0.85 -9.37 10.21
CA GLU B 22 -1.86 -10.43 10.41
C GLU B 22 -1.49 -11.73 9.68
N VAL B 23 -0.98 -11.63 8.44
CA VAL B 23 -0.44 -12.78 7.68
C VAL B 23 0.69 -13.46 8.45
N ALA B 24 1.63 -12.69 9.01
CA ALA B 24 2.72 -13.22 9.83
C ALA B 24 2.18 -13.92 11.11
N ARG B 25 1.24 -13.30 11.83
CA ARG B 25 0.60 -13.89 13.03
C ARG B 25 0.02 -15.27 12.73
N LEU B 26 -0.79 -15.37 11.67
CA LEU B 26 -1.44 -16.63 11.30
C LEU B 26 -0.42 -17.69 10.85
N LYS B 27 0.62 -17.33 10.09
CA LYS B 27 1.68 -18.27 9.67
C LYS B 27 2.45 -18.86 10.87
N LYS B 28 2.66 -18.11 11.97
CA LYS B 28 3.30 -18.65 13.19
C LYS B 28 2.53 -19.85 13.77
N LEU B 29 1.20 -19.85 13.68
CA LEU B 29 0.35 -20.94 14.21
C LEU B 29 0.45 -22.24 13.41
N VAL B 30 0.67 -22.16 12.10
CA VAL B 30 0.75 -23.31 11.18
C VAL B 30 2.19 -23.68 10.76
N GLY B 31 3.18 -22.86 11.11
CA GLY B 31 4.60 -23.06 10.76
C GLY B 31 4.94 -22.90 9.26
N GLU B 32 4.00 -22.38 8.47
CA GLU B 32 4.07 -22.33 7.00
C GLU B 32 5.20 -21.39 6.50
N ARG B 33 5.93 -21.83 5.47
CA ARG B 33 7.20 -21.23 5.07
C ARG B 33 7.25 -20.69 3.64
N GLY C 1 4.86 13.64 -16.11
CA GLY C 1 3.55 13.04 -15.85
C GLY C 1 3.42 12.70 -14.38
N MET C 2 2.22 12.83 -13.80
CA MET C 2 1.93 12.43 -12.40
C MET C 2 1.85 10.91 -12.15
N ASP C 3 1.97 10.10 -13.21
CA ASP C 3 1.53 8.71 -13.26
C ASP C 3 2.22 7.80 -12.22
N ALA C 4 3.47 8.07 -11.84
CA ALA C 4 4.20 7.27 -10.86
C ALA C 4 3.47 7.14 -9.51
N ILE C 5 2.85 8.21 -9.01
CA ILE C 5 2.10 8.19 -7.74
C ILE C 5 0.79 7.41 -7.90
N LYS C 6 0.05 7.64 -8.99
CA LYS C 6 -1.18 6.89 -9.32
C LYS C 6 -0.88 5.38 -9.46
N LYS C 7 0.26 5.03 -10.09
CA LYS C 7 0.75 3.65 -10.22
C LYS C 7 1.04 3.03 -8.86
N LYS C 8 1.78 3.69 -7.96
CA LYS C 8 1.99 3.18 -6.58
C LYS C 8 0.67 2.97 -5.84
N MET C 9 -0.29 3.89 -5.94
CA MET C 9 -1.63 3.71 -5.35
C MET C 9 -2.39 2.51 -5.92
N GLN C 10 -2.43 2.35 -7.25
CA GLN C 10 -3.10 1.23 -7.92
C GLN C 10 -2.46 -0.12 -7.59
N MET C 11 -1.13 -0.18 -7.51
CA MET C 11 -0.39 -1.39 -7.14
C MET C 11 -0.64 -1.76 -5.66
N LEU C 12 -0.64 -0.81 -4.73
CA LEU C 12 -1.02 -1.05 -3.33
C LEU C 12 -2.46 -1.56 -3.19
N LYS C 13 -3.43 -0.94 -3.89
CA LYS C 13 -4.84 -1.38 -3.89
C LYS C 13 -5.00 -2.84 -4.33
N LEU C 14 -4.24 -3.25 -5.35
CA LEU C 14 -4.19 -4.64 -5.84
C LEU C 14 -3.46 -5.58 -4.87
N ASP C 15 -2.32 -5.16 -4.32
CA ASP C 15 -1.54 -5.95 -3.35
C ASP C 15 -2.36 -6.25 -2.09
N ASN C 16 -3.11 -5.28 -1.60
CA ASN C 16 -4.00 -5.40 -0.45
C ASN C 16 -5.17 -6.37 -0.72
N TYR C 17 -5.64 -6.52 -1.98
CA TYR C 17 -6.61 -7.55 -2.37
C TYR C 17 -6.02 -8.98 -2.36
N HIS C 18 -4.79 -9.16 -2.84
CA HIS C 18 -4.08 -10.45 -2.72
C HIS C 18 -3.80 -10.81 -1.26
N LEU C 19 -3.44 -9.82 -0.44
CA LEU C 19 -3.29 -9.97 1.02
C LEU C 19 -4.60 -10.32 1.72
N GLU C 20 -5.73 -9.69 1.39
CA GLU C 20 -7.04 -10.02 1.99
C GLU C 20 -7.44 -11.48 1.73
N ASN C 21 -7.15 -11.99 0.52
CA ASN C 21 -7.33 -13.41 0.17
C ASN C 21 -6.35 -14.34 0.92
N GLU C 22 -5.09 -13.96 1.08
CA GLU C 22 -4.10 -14.74 1.85
C GLU C 22 -4.47 -14.79 3.35
N VAL C 23 -4.93 -13.68 3.93
CA VAL C 23 -5.51 -13.64 5.29
C VAL C 23 -6.72 -14.57 5.39
N ALA C 24 -7.63 -14.55 4.41
CA ALA C 24 -8.79 -15.43 4.40
C ALA C 24 -8.37 -16.92 4.36
N ARG C 25 -7.44 -17.29 3.48
CA ARG C 25 -6.88 -18.66 3.40
C ARG C 25 -6.27 -19.09 4.73
N LEU C 26 -5.42 -18.25 5.32
CA LEU C 26 -4.73 -18.53 6.57
C LEU C 26 -5.69 -18.63 7.78
N LYS C 27 -6.65 -17.71 7.92
CA LYS C 27 -7.69 -17.77 8.96
C LYS C 27 -8.50 -19.05 8.89
N LYS C 28 -8.89 -19.48 7.68
CA LYS C 28 -9.66 -20.72 7.45
C LYS C 28 -8.81 -21.98 7.69
N LEU C 29 -7.51 -21.96 7.38
CA LEU C 29 -6.57 -23.04 7.70
C LEU C 29 -6.31 -23.17 9.22
N VAL C 30 -6.22 -22.04 9.92
CA VAL C 30 -6.13 -21.95 11.40
C VAL C 30 -7.44 -22.36 12.08
N GLY C 31 -8.59 -22.11 11.46
CA GLY C 31 -9.91 -22.24 12.11
C GLY C 31 -10.24 -21.05 13.02
N GLU C 32 -9.81 -19.85 12.64
CA GLU C 32 -10.08 -18.57 13.32
C GLU C 32 -11.58 -18.18 13.20
N ARG C 33 -12.05 -17.29 14.09
CA ARG C 33 -13.46 -16.84 14.18
C ARG C 33 -13.79 -15.59 13.36
N SER A 1 22.21 -24.77 11.50
CA SER A 1 21.89 -23.32 11.47
C SER A 1 20.56 -23.07 12.17
N THR A 2 20.46 -21.95 12.89
CA THR A 2 19.32 -21.59 13.77
C THR A 2 17.99 -21.39 13.04
N PHE A 3 16.89 -21.44 13.81
CA PHE A 3 15.56 -20.98 13.39
C PHE A 3 15.44 -19.45 13.47
N GLY A 4 14.63 -18.84 12.61
CA GLY A 4 14.27 -17.42 12.68
C GLY A 4 13.24 -17.01 11.62
N TYR A 5 12.47 -15.96 11.91
CA TYR A 5 11.43 -15.38 11.03
C TYR A 5 11.23 -13.88 11.39
N ARG A 6 10.73 -13.08 10.45
CA ARG A 6 10.61 -11.60 10.55
C ARG A 6 11.96 -10.92 10.82
N ARG A 7 12.89 -11.13 9.87
CA ARG A 7 14.19 -10.45 9.78
C ARG A 7 14.02 -9.04 9.19
N GLY A 8 14.67 -8.04 9.77
CA GLY A 8 14.67 -6.66 9.26
C GLY A 8 13.32 -5.95 9.38
N LEU A 9 13.03 -5.03 8.45
CA LEU A 9 11.73 -4.35 8.36
C LEU A 9 10.70 -5.18 7.56
N SER A 10 9.42 -5.08 7.94
CA SER A 10 8.31 -5.73 7.21
C SER A 10 7.99 -5.03 5.88
N LYS A 11 7.28 -5.71 4.97
CA LYS A 11 7.28 -5.39 3.52
C LYS A 11 6.85 -3.95 3.18
N TYR A 12 5.87 -3.42 3.90
CA TYR A 12 5.30 -2.07 3.67
C TYR A 12 5.77 -1.04 4.72
N GLU A 13 6.80 -1.36 5.51
CA GLU A 13 7.27 -0.55 6.64
C GLU A 13 8.25 0.58 6.26
N SER A 14 8.95 0.45 5.14
CA SER A 14 9.88 1.48 4.65
C SER A 14 9.12 2.73 4.20
N ILE A 15 9.43 3.88 4.80
CA ILE A 15 8.90 5.19 4.41
C ILE A 15 9.61 5.66 3.13
N ASP A 16 8.83 6.01 2.11
CA ASP A 16 9.31 6.46 0.80
C ASP A 16 9.45 7.99 0.72
N GLU A 17 10.18 8.50 -0.29
CA GLU A 17 10.49 9.92 -0.43
C GLU A 17 9.33 10.77 -1.02
N ASP A 18 9.14 11.98 -0.48
CA ASP A 18 8.16 12.95 -1.00
C ASP A 18 8.58 13.58 -2.33
N GLU A 19 9.87 13.50 -2.69
CA GLU A 19 10.45 14.19 -3.85
C GLU A 19 9.78 13.82 -5.18
N LEU A 20 9.23 12.60 -5.28
CA LEU A 20 8.40 12.17 -6.41
C LEU A 20 7.14 13.03 -6.59
N LEU A 21 6.52 13.46 -5.48
CA LEU A 21 5.36 14.36 -5.47
C LEU A 21 5.81 15.81 -5.68
N ALA A 22 6.87 16.23 -4.98
CA ALA A 22 7.41 17.60 -5.03
C ALA A 22 7.99 17.99 -6.40
N SER A 23 8.24 17.01 -7.27
CA SER A 23 8.66 17.19 -8.67
C SER A 23 7.55 17.66 -9.62
N LEU A 24 6.30 17.74 -9.17
CA LEU A 24 5.14 18.17 -9.99
C LEU A 24 4.72 19.62 -9.69
N SER A 25 4.21 20.33 -10.70
CA SER A 25 3.59 21.65 -10.55
C SER A 25 2.11 21.57 -10.13
N ALA A 26 1.55 22.63 -9.55
CA ALA A 26 0.19 22.67 -9.00
C ALA A 26 -0.93 22.24 -9.98
N GLU A 27 -0.84 22.59 -11.26
CA GLU A 27 -1.82 22.16 -12.29
C GLU A 27 -1.72 20.67 -12.66
N GLU A 28 -0.52 20.07 -12.55
CA GLU A 28 -0.30 18.62 -12.68
C GLU A 28 -0.90 17.89 -11.46
N LEU A 29 -0.67 18.43 -10.27
CA LEU A 29 -1.21 17.93 -9.00
C LEU A 29 -2.74 18.04 -8.92
N LYS A 30 -3.38 18.89 -9.74
CA LYS A 30 -4.84 18.97 -9.83
C LYS A 30 -5.44 17.78 -10.57
N GLU A 31 -4.84 17.36 -11.68
CA GLU A 31 -5.22 16.14 -12.41
C GLU A 31 -5.03 14.89 -11.52
N LEU A 32 -3.89 14.82 -10.81
CA LEU A 32 -3.56 13.71 -9.91
C LEU A 32 -4.60 13.49 -8.79
N GLU A 33 -5.16 14.57 -8.23
CA GLU A 33 -6.17 14.48 -7.17
C GLU A 33 -7.45 13.76 -7.63
N ARG A 34 -7.84 13.88 -8.90
CA ARG A 34 -8.94 13.11 -9.51
C ARG A 34 -8.49 11.70 -9.95
N GLU A 35 -7.28 11.54 -10.47
CA GLU A 35 -6.74 10.25 -10.91
C GLU A 35 -6.68 9.20 -9.79
N LEU A 36 -6.42 9.60 -8.55
CA LEU A 36 -6.48 8.69 -7.40
C LEU A 36 -7.93 8.37 -6.97
N GLU A 37 -8.92 9.20 -7.29
CA GLU A 37 -10.34 8.93 -7.02
C GLU A 37 -10.95 7.86 -7.94
N ASP A 38 -10.30 7.51 -9.05
CA ASP A 38 -10.62 6.32 -9.86
C ASP A 38 -10.08 5.00 -9.26
N ILE A 39 -9.08 5.07 -8.37
CA ILE A 39 -8.46 3.90 -7.72
C ILE A 39 -9.14 3.54 -6.40
N GLU A 40 -9.67 4.53 -5.68
CA GLU A 40 -10.42 4.40 -4.42
C GLU A 40 -11.44 5.53 -4.26
N GLY B 1 -4.21 18.59 -3.40
CA GLY B 1 -3.12 19.06 -2.54
C GLY B 1 -2.19 17.91 -2.21
N MET B 2 -0.87 18.12 -2.27
CA MET B 2 0.14 17.06 -2.10
C MET B 2 -0.05 16.24 -0.82
N ASP B 3 -0.33 16.88 0.33
CA ASP B 3 -0.53 16.19 1.61
C ASP B 3 -1.75 15.27 1.62
N ALA B 4 -2.82 15.62 0.89
CA ALA B 4 -4.03 14.81 0.73
C ALA B 4 -3.79 13.63 -0.23
N ILE B 5 -3.12 13.89 -1.36
CA ILE B 5 -2.65 12.87 -2.32
C ILE B 5 -1.76 11.84 -1.61
N LYS B 6 -0.80 12.31 -0.80
CA LYS B 6 0.04 11.50 0.08
C LYS B 6 -0.80 10.73 1.10
N LYS B 7 -1.70 11.39 1.85
CA LYS B 7 -2.54 10.73 2.87
C LYS B 7 -3.40 9.61 2.27
N LYS B 8 -4.04 9.83 1.11
CA LYS B 8 -4.86 8.83 0.41
C LYS B 8 -4.07 7.58 0.02
N MET B 9 -2.85 7.73 -0.52
CA MET B 9 -1.97 6.59 -0.82
C MET B 9 -1.33 5.96 0.43
N GLN B 10 -0.94 6.77 1.43
CA GLN B 10 -0.24 6.31 2.62
C GLN B 10 -1.16 5.53 3.58
N MET B 11 -2.43 5.92 3.73
CA MET B 11 -3.42 5.12 4.50
C MET B 11 -3.75 3.77 3.83
N LEU B 12 -3.58 3.65 2.51
CA LEU B 12 -3.62 2.36 1.80
C LEU B 12 -2.34 1.53 2.02
N LYS B 13 -1.15 2.15 2.01
CA LYS B 13 0.11 1.48 2.41
C LYS B 13 0.06 0.99 3.87
N LEU B 14 -0.58 1.75 4.76
CA LEU B 14 -0.81 1.35 6.16
C LEU B 14 -1.78 0.16 6.32
N ASP B 15 -2.84 0.05 5.51
CA ASP B 15 -3.69 -1.15 5.48
C ASP B 15 -2.88 -2.39 5.06
N ASN B 16 -2.07 -2.28 3.99
CA ASN B 16 -1.17 -3.35 3.57
C ASN B 16 -0.11 -3.71 4.63
N TYR B 17 0.43 -2.70 5.35
CA TYR B 17 1.36 -2.89 6.46
C TYR B 17 0.76 -3.69 7.63
N HIS B 18 -0.48 -3.36 8.01
CA HIS B 18 -1.20 -4.11 9.05
C HIS B 18 -1.52 -5.54 8.58
N LEU B 19 -2.02 -5.70 7.35
CA LEU B 19 -2.37 -7.01 6.80
C LEU B 19 -1.15 -7.93 6.63
N GLU B 20 0.00 -7.44 6.14
CA GLU B 20 1.22 -8.28 6.00
C GLU B 20 1.78 -8.73 7.36
N ASN B 21 1.60 -7.93 8.42
CA ASN B 21 1.94 -8.31 9.79
C ASN B 21 0.88 -9.18 10.49
N GLU B 22 -0.39 -9.13 10.07
CA GLU B 22 -1.44 -10.09 10.48
C GLU B 22 -1.23 -11.46 9.81
N VAL B 23 -0.89 -11.47 8.51
CA VAL B 23 -0.41 -12.65 7.77
C VAL B 23 0.77 -13.28 8.50
N ALA B 24 1.78 -12.49 8.87
CA ALA B 24 2.91 -12.98 9.66
C ALA B 24 2.52 -13.50 11.05
N ARG B 25 1.60 -12.82 11.75
CA ARG B 25 1.10 -13.22 13.09
C ARG B 25 0.50 -14.62 13.05
N LEU B 26 -0.31 -14.91 12.04
CA LEU B 26 -0.95 -16.20 11.79
C LEU B 26 0.07 -17.24 11.29
N LYS B 27 0.89 -16.92 10.28
CA LYS B 27 1.79 -17.88 9.61
C LYS B 27 2.77 -18.57 10.56
N LYS B 28 3.34 -17.87 11.54
CA LYS B 28 4.26 -18.50 12.52
C LYS B 28 3.60 -19.59 13.39
N LEU B 29 2.28 -19.50 13.62
CA LEU B 29 1.51 -20.47 14.41
C LEU B 29 1.15 -21.74 13.62
N VAL B 30 1.13 -21.67 12.28
CA VAL B 30 0.93 -22.81 11.36
C VAL B 30 2.21 -23.28 10.67
N GLY B 31 3.31 -22.54 10.79
CA GLY B 31 4.65 -22.90 10.29
C GLY B 31 4.85 -22.85 8.77
N GLU B 32 4.02 -22.08 8.05
CA GLU B 32 4.16 -21.82 6.60
C GLU B 32 5.36 -20.89 6.27
N ARG B 33 5.41 -20.38 5.04
CA ARG B 33 6.31 -19.32 4.56
C ARG B 33 5.50 -18.18 3.96
N GLY C 1 6.85 12.10 -14.08
CA GLY C 1 5.52 12.26 -14.67
C GLY C 1 4.45 11.79 -13.71
N MET C 2 3.29 12.45 -13.71
CA MET C 2 2.18 12.22 -12.79
C MET C 2 1.77 10.74 -12.64
N ASP C 3 1.62 10.02 -13.75
CA ASP C 3 1.10 8.64 -13.76
C ASP C 3 1.95 7.63 -12.96
N ALA C 4 3.24 7.91 -12.72
CA ALA C 4 4.09 7.05 -11.88
C ALA C 4 3.56 6.93 -10.44
N ILE C 5 2.88 7.97 -9.93
CA ILE C 5 2.25 7.98 -8.61
C ILE C 5 0.92 7.21 -8.63
N LYS C 6 0.09 7.41 -9.67
CA LYS C 6 -1.17 6.67 -9.82
C LYS C 6 -0.93 5.17 -10.00
N LYS C 7 0.13 4.79 -10.73
CA LYS C 7 0.63 3.41 -10.82
C LYS C 7 1.05 2.85 -9.46
N LYS C 8 1.76 3.62 -8.62
CA LYS C 8 2.15 3.19 -7.27
C LYS C 8 0.94 2.97 -6.35
N MET C 9 -0.06 3.85 -6.37
CA MET C 9 -1.30 3.61 -5.62
C MET C 9 -2.10 2.42 -6.17
N GLN C 10 -2.15 2.22 -7.49
CA GLN C 10 -2.79 1.06 -8.12
C GLN C 10 -2.12 -0.25 -7.67
N MET C 11 -0.78 -0.32 -7.68
CA MET C 11 -0.03 -1.48 -7.18
C MET C 11 -0.37 -1.79 -5.71
N LEU C 12 -0.46 -0.76 -4.87
CA LEU C 12 -0.89 -0.91 -3.47
C LEU C 12 -2.35 -1.36 -3.31
N LYS C 13 -3.27 -0.93 -4.19
CA LYS C 13 -4.67 -1.38 -4.21
C LYS C 13 -4.80 -2.86 -4.62
N LEU C 14 -3.99 -3.30 -5.59
CA LEU C 14 -3.88 -4.70 -6.00
C LEU C 14 -3.23 -5.57 -4.89
N ASP C 15 -2.21 -5.07 -4.20
CA ASP C 15 -1.66 -5.70 -2.99
C ASP C 15 -2.71 -5.82 -1.87
N ASN C 16 -3.58 -4.82 -1.71
CA ASN C 16 -4.65 -4.82 -0.70
C ASN C 16 -5.61 -6.01 -0.91
N TYR C 17 -6.05 -6.22 -2.16
CA TYR C 17 -6.90 -7.35 -2.57
C TYR C 17 -6.22 -8.71 -2.36
N HIS C 18 -4.93 -8.84 -2.70
CA HIS C 18 -4.16 -10.07 -2.45
C HIS C 18 -4.08 -10.40 -0.95
N LEU C 19 -3.73 -9.41 -0.14
CA LEU C 19 -3.53 -9.59 1.30
C LEU C 19 -4.85 -9.95 2.02
N GLU C 20 -5.98 -9.34 1.68
CA GLU C 20 -7.27 -9.66 2.31
C GLU C 20 -7.91 -10.97 1.79
N ASN C 21 -7.34 -11.58 0.74
CA ASN C 21 -7.56 -13.01 0.40
C ASN C 21 -6.60 -13.93 1.18
N GLU C 22 -5.32 -13.57 1.35
CA GLU C 22 -4.33 -14.38 2.10
C GLU C 22 -4.67 -14.48 3.60
N VAL C 23 -5.12 -13.38 4.23
CA VAL C 23 -5.64 -13.39 5.61
C VAL C 23 -6.87 -14.30 5.72
N ALA C 24 -7.78 -14.29 4.74
CA ALA C 24 -8.94 -15.17 4.73
C ALA C 24 -8.54 -16.66 4.62
N ARG C 25 -7.54 -16.99 3.78
CA ARG C 25 -6.96 -18.35 3.70
C ARG C 25 -6.39 -18.81 5.05
N LEU C 26 -5.59 -17.97 5.69
CA LEU C 26 -4.96 -18.28 6.98
C LEU C 26 -6.00 -18.44 8.10
N LYS C 27 -7.03 -17.58 8.14
CA LYS C 27 -8.14 -17.71 9.12
C LYS C 27 -8.97 -18.99 8.87
N LYS C 28 -9.18 -19.43 7.62
CA LYS C 28 -9.74 -20.77 7.31
C LYS C 28 -8.83 -21.90 7.76
N LEU C 29 -7.51 -21.81 7.52
CA LEU C 29 -6.54 -22.84 7.90
C LEU C 29 -6.47 -23.05 9.42
N VAL C 30 -6.54 -21.98 10.21
CA VAL C 30 -6.69 -22.08 11.68
C VAL C 30 -8.09 -22.59 12.06
N GLY C 31 -9.15 -22.08 11.41
CA GLY C 31 -10.53 -22.54 11.62
C GLY C 31 -11.28 -21.92 12.80
N GLU C 32 -10.78 -20.78 13.31
CA GLU C 32 -11.28 -20.09 14.52
C GLU C 32 -11.85 -18.68 14.21
N ARG C 33 -11.96 -17.83 15.24
CA ARG C 33 -12.70 -16.56 15.25
C ARG C 33 -11.84 -15.40 15.77
N SER A 1 12.74 -4.43 17.60
CA SER A 1 14.00 -4.76 16.91
C SER A 1 13.91 -4.35 15.44
N THR A 2 13.94 -5.27 14.46
CA THR A 2 13.80 -5.01 13.00
C THR A 2 14.58 -3.78 12.49
N PHE A 3 15.88 -3.72 12.77
CA PHE A 3 16.73 -2.57 12.47
C PHE A 3 17.15 -2.46 10.98
N GLY A 4 17.48 -1.24 10.55
CA GLY A 4 17.96 -0.91 9.21
C GLY A 4 17.04 0.05 8.45
N TYR A 5 17.52 0.54 7.30
CA TYR A 5 16.83 1.53 6.46
C TYR A 5 15.35 1.15 6.20
N ARG A 6 14.46 1.90 6.87
CA ARG A 6 12.99 1.81 6.85
C ARG A 6 12.42 0.40 7.17
N ARG A 7 13.21 -0.50 7.78
CA ARG A 7 12.83 -1.89 8.10
C ARG A 7 11.76 -2.02 9.19
N GLY A 8 11.44 -0.93 9.90
CA GLY A 8 10.28 -0.83 10.79
C GLY A 8 8.96 -0.46 10.11
N LEU A 9 8.92 -0.35 8.77
CA LEU A 9 7.81 0.19 7.96
C LEU A 9 7.49 -0.71 6.74
N SER A 10 6.45 -0.34 5.97
CA SER A 10 5.98 -1.03 4.76
C SER A 10 7.06 -1.27 3.69
N LYS A 11 6.92 -2.32 2.88
CA LYS A 11 7.73 -2.56 1.67
C LYS A 11 7.67 -1.41 0.65
N TYR A 12 6.62 -0.58 0.68
CA TYR A 12 6.47 0.60 -0.18
C TYR A 12 7.17 1.87 0.35
N GLU A 13 7.62 1.90 1.62
CA GLU A 13 8.27 3.08 2.21
C GLU A 13 9.73 3.28 1.76
N SER A 14 10.36 2.29 1.10
CA SER A 14 11.80 2.31 0.77
C SER A 14 12.25 3.43 -0.22
N ILE A 15 11.31 4.09 -0.91
CA ILE A 15 11.55 5.24 -1.80
C ILE A 15 10.50 6.32 -1.55
N ASP A 16 10.95 7.58 -1.42
CA ASP A 16 10.11 8.77 -1.15
C ASP A 16 9.08 9.08 -2.25
N GLU A 17 7.97 9.73 -1.88
CA GLU A 17 7.12 10.45 -2.84
C GLU A 17 7.44 11.97 -2.94
N ASP A 18 8.10 12.56 -1.92
CA ASP A 18 8.36 14.01 -1.83
C ASP A 18 9.12 14.59 -3.03
N GLU A 19 10.19 13.94 -3.46
CA GLU A 19 10.98 14.35 -4.63
C GLU A 19 10.24 14.12 -5.96
N LEU A 20 9.20 13.28 -5.98
CA LEU A 20 8.38 13.02 -7.17
C LEU A 20 7.24 14.04 -7.34
N LEU A 21 6.73 14.62 -6.23
CA LEU A 21 5.59 15.54 -6.19
C LEU A 21 5.94 17.02 -6.45
N ALA A 22 7.13 17.48 -6.05
CA ALA A 22 7.42 18.91 -5.83
C ALA A 22 7.27 19.85 -7.06
N SER A 23 7.36 19.31 -8.27
CA SER A 23 7.27 20.04 -9.54
C SER A 23 5.87 20.11 -10.17
N LEU A 24 4.89 19.35 -9.66
CA LEU A 24 3.63 19.09 -10.36
C LEU A 24 2.65 20.27 -10.39
N SER A 25 1.98 20.45 -11.53
CA SER A 25 0.78 21.29 -11.66
C SER A 25 -0.40 20.70 -10.88
N ALA A 26 -1.42 21.51 -10.58
CA ALA A 26 -2.63 21.03 -9.92
C ALA A 26 -3.38 19.99 -10.77
N GLU A 27 -3.35 20.11 -12.10
CA GLU A 27 -3.82 19.12 -13.05
C GLU A 27 -3.14 17.76 -12.87
N GLU A 28 -1.81 17.72 -12.78
CA GLU A 28 -1.04 16.50 -12.54
C GLU A 28 -1.27 15.93 -11.13
N LEU A 29 -1.51 16.77 -10.12
CA LEU A 29 -1.92 16.33 -8.79
C LEU A 29 -3.35 15.74 -8.81
N LYS A 30 -4.29 16.31 -9.56
CA LYS A 30 -5.66 15.79 -9.71
C LYS A 30 -5.71 14.48 -10.51
N GLU A 31 -4.78 14.27 -11.46
CA GLU A 31 -4.53 12.98 -12.12
C GLU A 31 -4.01 11.90 -11.14
N LEU A 32 -3.33 12.28 -10.05
CA LEU A 32 -3.02 11.38 -8.93
C LEU A 32 -4.24 11.17 -8.01
N GLU A 33 -5.03 12.21 -7.75
CA GLU A 33 -6.30 12.09 -7.02
C GLU A 33 -7.32 11.18 -7.74
N ARG A 34 -7.24 11.04 -9.07
CA ARG A 34 -8.04 10.09 -9.87
C ARG A 34 -7.84 8.63 -9.44
N GLU A 35 -6.66 8.27 -8.94
CA GLU A 35 -6.38 6.95 -8.35
C GLU A 35 -6.72 6.87 -6.84
N LEU A 36 -7.29 7.94 -6.29
CA LEU A 36 -7.62 8.10 -4.86
C LEU A 36 -9.09 8.52 -4.62
N GLU A 37 -9.94 8.41 -5.66
CA GLU A 37 -11.39 8.65 -5.62
C GLU A 37 -12.11 7.71 -4.64
N ASP A 38 -11.71 6.43 -4.63
CA ASP A 38 -12.25 5.41 -3.71
C ASP A 38 -12.05 5.86 -2.25
N ILE A 39 -10.87 6.41 -1.96
CA ILE A 39 -10.44 6.88 -0.63
C ILE A 39 -11.03 8.27 -0.25
N GLU A 40 -11.52 9.06 -1.23
CA GLU A 40 -12.11 10.40 -1.00
C GLU A 40 -13.35 10.41 -0.10
N GLY B 1 -5.40 18.04 -2.99
CA GLY B 1 -4.06 18.62 -3.13
C GLY B 1 -2.98 17.69 -2.61
N MET B 2 -1.71 18.10 -2.76
CA MET B 2 -0.53 17.31 -2.37
C MET B 2 -0.57 16.84 -0.90
N ASP B 3 -1.01 17.71 0.00
CA ASP B 3 -1.12 17.42 1.43
C ASP B 3 -2.14 16.29 1.72
N ALA B 4 -3.32 16.35 1.09
CA ALA B 4 -4.31 15.27 1.16
C ALA B 4 -3.83 13.98 0.45
N ILE B 5 -3.12 14.09 -0.68
CA ILE B 5 -2.52 12.94 -1.38
C ILE B 5 -1.55 12.19 -0.45
N LYS B 6 -0.65 12.89 0.25
CA LYS B 6 0.24 12.28 1.25
C LYS B 6 -0.52 11.59 2.38
N LYS B 7 -1.52 12.25 2.95
CA LYS B 7 -2.35 11.71 4.06
C LYS B 7 -3.13 10.46 3.65
N LYS B 8 -3.68 10.42 2.43
CA LYS B 8 -4.29 9.22 1.82
C LYS B 8 -3.27 8.10 1.56
N MET B 9 -2.12 8.42 0.95
CA MET B 9 -1.07 7.42 0.71
C MET B 9 -0.56 6.80 2.01
N GLN B 10 -0.46 7.57 3.10
CA GLN B 10 -0.10 7.05 4.42
C GLN B 10 -1.12 6.00 4.93
N MET B 11 -2.42 6.16 4.69
CA MET B 11 -3.40 5.10 5.03
C MET B 11 -3.15 3.81 4.23
N LEU B 12 -2.87 3.92 2.92
CA LEU B 12 -2.57 2.76 2.08
C LEU B 12 -1.25 2.07 2.47
N LYS B 13 -0.22 2.84 2.86
CA LYS B 13 1.05 2.34 3.44
C LYS B 13 0.80 1.58 4.75
N LEU B 14 -0.01 2.14 5.65
CA LEU B 14 -0.35 1.53 6.93
C LEU B 14 -1.20 0.26 6.76
N ASP B 15 -2.18 0.22 5.85
CA ASP B 15 -2.88 -1.02 5.49
C ASP B 15 -1.91 -2.10 4.94
N ASN B 16 -1.00 -1.71 4.04
CA ASN B 16 -0.02 -2.65 3.46
C ASN B 16 1.00 -3.18 4.48
N TYR B 17 1.35 -2.38 5.49
CA TYR B 17 2.13 -2.81 6.66
C TYR B 17 1.33 -3.75 7.58
N HIS B 18 0.10 -3.36 7.90
CA HIS B 18 -0.82 -4.11 8.77
C HIS B 18 -1.18 -5.49 8.21
N LEU B 19 -1.40 -5.60 6.91
CA LEU B 19 -1.64 -6.88 6.23
C LEU B 19 -0.41 -7.80 6.24
N GLU B 20 0.80 -7.27 6.05
CA GLU B 20 2.06 -8.05 6.21
C GLU B 20 2.31 -8.47 7.67
N ASN B 21 1.89 -7.66 8.65
CA ASN B 21 1.90 -8.04 10.07
C ASN B 21 0.87 -9.15 10.39
N GLU B 22 -0.32 -9.09 9.77
CA GLU B 22 -1.38 -10.08 9.93
C GLU B 22 -1.02 -11.43 9.26
N VAL B 23 -0.39 -11.42 8.09
CA VAL B 23 0.18 -12.63 7.46
C VAL B 23 1.25 -13.25 8.37
N ALA B 24 2.12 -12.44 8.99
CA ALA B 24 3.11 -12.93 9.96
C ALA B 24 2.48 -13.57 11.22
N ARG B 25 1.32 -13.08 11.68
CA ARG B 25 0.51 -13.72 12.74
C ARG B 25 -0.07 -15.05 12.27
N LEU B 26 -0.78 -15.06 11.13
CA LEU B 26 -1.48 -16.22 10.61
C LEU B 26 -0.53 -17.38 10.24
N LYS B 27 0.67 -17.08 9.74
CA LYS B 27 1.72 -18.08 9.47
C LYS B 27 2.04 -18.94 10.71
N LYS B 28 2.25 -18.33 11.88
CA LYS B 28 2.56 -19.06 13.13
C LYS B 28 1.40 -19.98 13.55
N LEU B 29 0.15 -19.49 13.42
CA LEU B 29 -1.07 -20.20 13.79
C LEU B 29 -1.38 -21.40 12.89
N VAL B 30 -1.14 -21.29 11.57
CA VAL B 30 -1.33 -22.40 10.61
C VAL B 30 -0.13 -23.36 10.56
N GLY B 31 1.03 -22.96 11.09
CA GLY B 31 2.24 -23.78 11.23
C GLY B 31 3.36 -23.49 10.22
N GLU B 32 3.26 -22.43 9.41
CA GLU B 32 4.37 -21.97 8.56
C GLU B 32 5.54 -21.39 9.38
N ARG B 33 6.73 -21.35 8.75
CA ARG B 33 7.95 -20.72 9.26
C ARG B 33 7.96 -19.21 9.05
N GLY C 1 8.35 13.38 -11.13
CA GLY C 1 6.99 13.82 -11.49
C GLY C 1 6.04 12.64 -11.50
N MET C 2 4.97 12.74 -12.29
CA MET C 2 3.69 12.10 -11.99
C MET C 2 3.63 10.57 -12.20
N ASP C 3 4.05 10.05 -13.35
CA ASP C 3 3.83 8.62 -13.70
C ASP C 3 4.39 7.63 -12.67
N ALA C 4 5.55 7.93 -12.08
CA ALA C 4 6.16 7.10 -11.05
C ALA C 4 5.26 6.94 -9.81
N ILE C 5 4.55 8.00 -9.41
CA ILE C 5 3.62 7.98 -8.27
C ILE C 5 2.34 7.21 -8.66
N LYS C 6 1.78 7.45 -9.85
CA LYS C 6 0.62 6.72 -10.37
C LYS C 6 0.90 5.20 -10.44
N LYS C 7 2.07 4.81 -10.97
CA LYS C 7 2.57 3.42 -10.98
C LYS C 7 2.67 2.84 -9.57
N LYS C 8 3.30 3.57 -8.62
CA LYS C 8 3.45 3.14 -7.22
C LYS C 8 2.09 2.91 -6.53
N MET C 9 1.13 3.82 -6.73
CA MET C 9 -0.22 3.68 -6.16
C MET C 9 -1.03 2.53 -6.75
N GLN C 10 -1.00 2.31 -8.07
CA GLN C 10 -1.68 1.16 -8.67
C GLN C 10 -1.08 -0.18 -8.20
N MET C 11 0.25 -0.28 -8.12
CA MET C 11 0.91 -1.46 -7.52
C MET C 11 0.49 -1.69 -6.06
N LEU C 12 0.47 -0.62 -5.25
CA LEU C 12 0.06 -0.68 -3.84
C LEU C 12 -1.40 -1.14 -3.66
N LYS C 13 -2.32 -0.63 -4.47
CA LYS C 13 -3.74 -1.04 -4.46
C LYS C 13 -3.92 -2.50 -4.91
N LEU C 14 -3.18 -2.96 -5.93
CA LEU C 14 -3.18 -4.36 -6.37
C LEU C 14 -2.58 -5.32 -5.33
N ASP C 15 -1.48 -4.93 -4.68
CA ASP C 15 -0.92 -5.71 -3.57
C ASP C 15 -1.85 -5.78 -2.36
N ASN C 16 -2.56 -4.70 -2.00
CA ASN C 16 -3.57 -4.74 -0.93
C ASN C 16 -4.77 -5.64 -1.31
N TYR C 17 -5.24 -5.60 -2.56
CA TYR C 17 -6.27 -6.51 -3.07
C TYR C 17 -5.84 -7.99 -3.02
N HIS C 18 -4.58 -8.30 -3.35
CA HIS C 18 -4.02 -9.64 -3.14
C HIS C 18 -3.95 -10.02 -1.66
N LEU C 19 -3.40 -9.12 -0.83
CA LEU C 19 -3.13 -9.37 0.59
C LEU C 19 -4.39 -9.59 1.42
N GLU C 20 -5.46 -8.79 1.27
CA GLU C 20 -6.69 -9.03 2.02
C GLU C 20 -7.36 -10.36 1.60
N ASN C 21 -7.31 -10.72 0.31
CA ASN C 21 -7.77 -12.02 -0.17
C ASN C 21 -6.92 -13.19 0.38
N GLU C 22 -5.60 -13.04 0.50
CA GLU C 22 -4.73 -14.06 1.11
C GLU C 22 -4.99 -14.18 2.62
N VAL C 23 -5.11 -13.05 3.33
CA VAL C 23 -5.49 -12.99 4.76
C VAL C 23 -6.85 -13.65 5.00
N ALA C 24 -7.88 -13.36 4.20
CA ALA C 24 -9.20 -13.98 4.32
C ALA C 24 -9.14 -15.51 4.11
N ARG C 25 -8.39 -15.96 3.09
CA ARG C 25 -8.18 -17.38 2.77
C ARG C 25 -7.45 -18.13 3.89
N LEU C 26 -6.42 -17.51 4.47
CA LEU C 26 -5.67 -18.04 5.62
C LEU C 26 -6.48 -18.04 6.92
N LYS C 27 -7.26 -16.98 7.20
CA LYS C 27 -8.18 -16.93 8.36
C LYS C 27 -9.18 -18.10 8.30
N LYS C 28 -9.84 -18.27 7.15
CA LYS C 28 -10.77 -19.38 6.90
C LYS C 28 -10.13 -20.76 7.05
N LEU C 29 -8.90 -20.95 6.54
CA LEU C 29 -8.15 -22.20 6.70
C LEU C 29 -7.85 -22.52 8.17
N VAL C 30 -7.34 -21.56 8.95
CA VAL C 30 -6.94 -21.78 10.36
C VAL C 30 -8.12 -21.71 11.36
N GLY C 31 -9.29 -21.26 10.92
CA GLY C 31 -10.49 -21.09 11.74
C GLY C 31 -10.55 -19.77 12.52
N GLU C 32 -9.70 -18.79 12.20
CA GLU C 32 -9.76 -17.42 12.74
C GLU C 32 -10.99 -16.66 12.21
N ARG C 33 -11.51 -15.70 12.98
CA ARG C 33 -12.70 -14.90 12.63
C ARG C 33 -12.37 -13.64 11.84
N SER A 1 9.70 5.66 -0.55
CA SER A 1 10.11 5.39 0.84
C SER A 1 8.98 4.75 1.61
N THR A 2 9.09 3.45 1.91
CA THR A 2 8.02 2.64 2.51
C THR A 2 8.62 1.58 3.47
N PHE A 3 9.51 2.02 4.36
CA PHE A 3 10.21 1.13 5.29
C PHE A 3 9.27 0.62 6.41
N GLY A 4 9.16 -0.70 6.54
CA GLY A 4 8.29 -1.40 7.47
C GLY A 4 8.66 -2.89 7.57
N TYR A 5 7.68 -3.76 7.83
CA TYR A 5 7.90 -5.19 8.10
C TYR A 5 8.46 -5.99 6.89
N ARG A 6 8.26 -5.52 5.65
CA ARG A 6 8.80 -6.12 4.42
C ARG A 6 10.29 -5.76 4.26
N ARG A 7 11.16 -6.77 4.28
CA ARG A 7 12.64 -6.62 4.20
C ARG A 7 13.17 -6.66 2.76
N GLY A 8 14.41 -6.19 2.56
CA GLY A 8 15.10 -6.28 1.26
C GLY A 8 14.59 -5.30 0.19
N LEU A 9 14.14 -4.10 0.60
CA LEU A 9 13.62 -3.08 -0.32
C LEU A 9 14.73 -2.49 -1.22
N SER A 10 14.40 -2.26 -2.49
CA SER A 10 15.30 -1.71 -3.52
C SER A 10 15.81 -0.28 -3.21
N LYS A 11 16.98 0.09 -3.75
CA LYS A 11 17.49 1.48 -3.75
C LYS A 11 16.58 2.49 -4.46
N TYR A 12 15.63 2.02 -5.27
CA TYR A 12 14.56 2.84 -5.86
C TYR A 12 13.37 3.06 -4.90
N GLU A 13 13.24 2.24 -3.85
CA GLU A 13 12.29 2.48 -2.75
C GLU A 13 12.86 3.44 -1.70
N SER A 14 14.18 3.51 -1.53
CA SER A 14 14.91 4.54 -0.74
C SER A 14 14.85 5.95 -1.35
N ILE A 15 13.72 6.32 -1.97
CA ILE A 15 13.44 7.62 -2.60
C ILE A 15 12.04 8.07 -2.15
N ASP A 16 11.95 9.26 -1.56
CA ASP A 16 10.72 9.82 -0.95
C ASP A 16 9.73 10.30 -2.02
N GLU A 17 8.62 9.57 -2.22
CA GLU A 17 7.67 9.87 -3.28
C GLU A 17 6.60 10.93 -2.91
N ASP A 18 6.50 11.31 -1.63
CA ASP A 18 5.67 12.44 -1.19
C ASP A 18 6.37 13.78 -1.43
N GLU A 19 7.67 13.89 -1.15
CA GLU A 19 8.45 15.10 -1.45
C GLU A 19 8.84 15.22 -2.94
N LEU A 20 8.80 14.12 -3.69
CA LEU A 20 8.91 14.13 -5.16
C LEU A 20 7.75 14.85 -5.86
N LEU A 21 6.60 15.03 -5.19
CA LEU A 21 5.42 15.71 -5.74
C LEU A 21 5.68 17.18 -6.14
N ALA A 22 6.72 17.81 -5.61
CA ALA A 22 7.20 19.14 -6.06
C ALA A 22 7.68 19.17 -7.53
N SER A 23 7.87 18.00 -8.16
CA SER A 23 8.18 17.87 -9.60
C SER A 23 6.94 17.86 -10.53
N LEU A 24 5.72 17.98 -9.99
CA LEU A 24 4.45 17.84 -10.74
C LEU A 24 3.55 19.08 -10.60
N SER A 25 2.88 19.46 -11.69
CA SER A 25 1.92 20.58 -11.74
C SER A 25 0.58 20.26 -11.08
N ALA A 26 -0.23 21.30 -10.82
CA ALA A 26 -1.56 21.18 -10.21
C ALA A 26 -2.52 20.23 -10.96
N GLU A 27 -2.38 20.11 -12.28
CA GLU A 27 -3.12 19.15 -13.11
C GLU A 27 -2.66 17.70 -12.90
N GLU A 28 -1.34 17.46 -12.89
CA GLU A 28 -0.77 16.14 -12.61
C GLU A 28 -1.08 15.67 -11.18
N LEU A 29 -1.08 16.60 -10.22
CA LEU A 29 -1.48 16.34 -8.84
C LEU A 29 -2.98 16.00 -8.71
N LYS A 30 -3.87 16.62 -9.49
CA LYS A 30 -5.30 16.26 -9.50
C LYS A 30 -5.53 14.84 -10.04
N GLU A 31 -4.72 14.41 -11.01
CA GLU A 31 -4.76 13.04 -11.54
C GLU A 31 -4.22 11.99 -10.54
N LEU A 32 -3.21 12.34 -9.73
CA LEU A 32 -2.76 11.48 -8.62
C LEU A 32 -3.77 11.43 -7.47
N GLU A 33 -4.46 12.52 -7.15
CA GLU A 33 -5.57 12.46 -6.18
C GLU A 33 -6.70 11.56 -6.70
N ARG A 34 -7.02 11.63 -8.01
CA ARG A 34 -7.99 10.77 -8.70
C ARG A 34 -7.61 9.28 -8.73
N GLU A 35 -6.34 8.95 -8.47
CA GLU A 35 -5.88 7.57 -8.24
C GLU A 35 -6.07 7.12 -6.78
N LEU A 36 -5.83 8.03 -5.83
CA LEU A 36 -6.04 7.82 -4.39
C LEU A 36 -7.52 7.93 -3.96
N GLU A 37 -8.43 8.18 -4.91
CA GLU A 37 -9.84 8.44 -4.69
C GLU A 37 -10.68 7.20 -4.27
N ASP A 38 -10.04 6.04 -4.16
CA ASP A 38 -10.55 4.84 -3.48
C ASP A 38 -10.46 4.93 -1.92
N ILE A 39 -9.82 5.98 -1.39
CA ILE A 39 -9.55 6.19 0.04
C ILE A 39 -10.34 7.37 0.66
N GLU A 40 -10.92 8.25 -0.17
CA GLU A 40 -11.61 9.50 0.22
C GLU A 40 -12.85 9.33 1.14
N GLY B 1 -5.47 19.95 -3.82
CA GLY B 1 -4.41 20.41 -2.90
C GLY B 1 -3.44 19.29 -2.63
N MET B 2 -2.12 19.54 -2.65
CA MET B 2 -1.10 18.47 -2.54
C MET B 2 -1.22 17.64 -1.26
N ASP B 3 -1.67 18.26 -0.17
CA ASP B 3 -1.89 17.63 1.13
C ASP B 3 -2.85 16.43 1.05
N ALA B 4 -3.86 16.46 0.18
CA ALA B 4 -4.80 15.36 0.01
C ALA B 4 -4.12 14.12 -0.63
N ILE B 5 -3.15 14.32 -1.54
CA ILE B 5 -2.30 13.23 -2.05
C ILE B 5 -1.41 12.70 -0.93
N LYS B 6 -0.71 13.60 -0.21
CA LYS B 6 0.17 13.23 0.92
C LYS B 6 -0.56 12.50 2.05
N LYS B 7 -1.84 12.81 2.31
CA LYS B 7 -2.70 12.14 3.32
C LYS B 7 -3.33 10.84 2.81
N LYS B 8 -3.98 10.82 1.64
CA LYS B 8 -4.60 9.59 1.11
C LYS B 8 -3.56 8.52 0.76
N MET B 9 -2.35 8.89 0.32
CA MET B 9 -1.23 7.95 0.16
C MET B 9 -0.74 7.36 1.49
N GLN B 10 -0.68 8.16 2.56
CA GLN B 10 -0.31 7.68 3.90
C GLN B 10 -1.33 6.65 4.42
N MET B 11 -2.63 6.92 4.27
CA MET B 11 -3.71 5.96 4.58
C MET B 11 -3.59 4.65 3.77
N LEU B 12 -3.24 4.73 2.47
CA LEU B 12 -3.01 3.55 1.64
C LEU B 12 -1.78 2.72 2.08
N LYS B 13 -0.71 3.37 2.57
CA LYS B 13 0.45 2.71 3.17
C LYS B 13 0.16 2.09 4.54
N LEU B 14 -0.72 2.71 5.36
CA LEU B 14 -1.09 2.19 6.67
C LEU B 14 -1.80 0.82 6.63
N ASP B 15 -2.59 0.53 5.60
CA ASP B 15 -3.07 -0.83 5.31
C ASP B 15 -1.88 -1.80 5.11
N ASN B 16 -0.95 -1.47 4.23
CA ASN B 16 0.18 -2.33 3.84
C ASN B 16 1.14 -2.62 5.02
N TYR B 17 1.44 -1.59 5.82
CA TYR B 17 2.27 -1.69 7.02
C TYR B 17 1.71 -2.67 8.06
N HIS B 18 0.37 -2.82 8.15
CA HIS B 18 -0.31 -3.81 9.00
C HIS B 18 -0.35 -5.19 8.35
N LEU B 19 -0.76 -5.26 7.07
CA LEU B 19 -1.08 -6.52 6.39
C LEU B 19 0.12 -7.48 6.26
N GLU B 20 1.34 -7.01 5.99
CA GLU B 20 2.53 -7.88 5.95
C GLU B 20 2.79 -8.56 7.31
N ASN B 21 2.63 -7.82 8.42
CA ASN B 21 2.78 -8.33 9.79
C ASN B 21 1.64 -9.28 10.19
N GLU B 22 0.40 -8.96 9.86
CA GLU B 22 -0.77 -9.80 10.17
C GLU B 22 -0.78 -11.11 9.35
N VAL B 23 -0.42 -11.06 8.06
CA VAL B 23 -0.23 -12.26 7.23
C VAL B 23 0.93 -13.11 7.77
N ALA B 24 2.03 -12.50 8.23
CA ALA B 24 3.12 -13.23 8.88
C ALA B 24 2.65 -13.94 10.17
N ARG B 25 1.86 -13.27 11.03
CA ARG B 25 1.24 -13.87 12.23
C ARG B 25 0.34 -15.05 11.84
N LEU B 26 -0.54 -14.86 10.86
CA LEU B 26 -1.49 -15.89 10.43
C LEU B 26 -0.80 -17.11 9.77
N LYS B 27 0.23 -16.91 8.93
CA LYS B 27 1.06 -18.01 8.39
C LYS B 27 1.71 -18.83 9.52
N LYS B 28 2.26 -18.15 10.53
CA LYS B 28 2.89 -18.79 11.70
C LYS B 28 1.86 -19.57 12.54
N LEU B 29 0.66 -19.02 12.78
CA LEU B 29 -0.44 -19.69 13.49
C LEU B 29 -0.99 -20.92 12.74
N VAL B 30 -1.14 -20.83 11.41
CA VAL B 30 -1.54 -21.94 10.52
C VAL B 30 -0.48 -23.05 10.47
N GLY B 31 0.79 -22.72 10.69
CA GLY B 31 1.91 -23.63 10.48
C GLY B 31 2.32 -23.75 9.01
N GLU B 32 2.20 -22.66 8.23
CA GLU B 32 2.71 -22.53 6.87
C GLU B 32 4.22 -22.13 6.85
N ARG B 33 4.84 -22.04 5.66
CA ARG B 33 6.23 -21.58 5.46
C ARG B 33 6.29 -20.38 4.51
N GLY C 1 6.01 10.69 -16.16
CA GLY C 1 6.40 11.36 -14.92
C GLY C 1 5.38 11.04 -13.84
N MET C 2 4.26 11.76 -13.86
CA MET C 2 3.07 11.48 -13.05
C MET C 2 2.65 10.00 -13.12
N ASP C 3 2.70 9.41 -14.32
CA ASP C 3 2.31 8.03 -14.57
C ASP C 3 3.05 7.01 -13.68
N ALA C 4 4.32 7.24 -13.33
CA ALA C 4 5.10 6.35 -12.48
C ALA C 4 4.53 6.28 -11.05
N ILE C 5 4.14 7.42 -10.47
CA ILE C 5 3.49 7.46 -9.15
C ILE C 5 2.08 6.84 -9.24
N LYS C 6 1.33 7.13 -10.31
CA LYS C 6 0.00 6.53 -10.57
C LYS C 6 0.07 5.00 -10.65
N LYS C 7 1.03 4.46 -11.42
CA LYS C 7 1.36 3.02 -11.49
C LYS C 7 1.72 2.45 -10.11
N LYS C 8 2.58 3.13 -9.35
CA LYS C 8 2.97 2.71 -7.98
C LYS C 8 1.76 2.62 -7.04
N MET C 9 0.82 3.57 -7.12
CA MET C 9 -0.41 3.53 -6.32
C MET C 9 -1.39 2.42 -6.75
N GLN C 10 -1.55 2.15 -8.05
CA GLN C 10 -2.32 0.98 -8.51
C GLN C 10 -1.68 -0.34 -8.05
N MET C 11 -0.36 -0.48 -8.17
CA MET C 11 0.37 -1.65 -7.67
C MET C 11 0.22 -1.84 -6.15
N LEU C 12 0.27 -0.76 -5.36
CA LEU C 12 0.06 -0.81 -3.91
C LEU C 12 -1.39 -1.16 -3.51
N LYS C 13 -2.40 -0.68 -4.26
CA LYS C 13 -3.80 -1.11 -4.08
C LYS C 13 -3.99 -2.59 -4.43
N LEU C 14 -3.34 -3.10 -5.48
CA LEU C 14 -3.33 -4.52 -5.81
C LEU C 14 -2.61 -5.38 -4.76
N ASP C 15 -1.50 -4.91 -4.19
CA ASP C 15 -0.79 -5.58 -3.10
C ASP C 15 -1.68 -5.72 -1.85
N ASN C 16 -2.36 -4.63 -1.44
CA ASN C 16 -3.34 -4.68 -0.34
C ASN C 16 -4.53 -5.60 -0.64
N TYR C 17 -5.08 -5.56 -1.87
CA TYR C 17 -6.18 -6.45 -2.30
C TYR C 17 -5.76 -7.94 -2.28
N HIS C 18 -4.53 -8.26 -2.68
CA HIS C 18 -3.97 -9.60 -2.59
C HIS C 18 -3.86 -10.04 -1.12
N LEU C 19 -3.25 -9.21 -0.27
CA LEU C 19 -3.06 -9.49 1.15
C LEU C 19 -4.39 -9.65 1.93
N GLU C 20 -5.43 -8.86 1.65
CA GLU C 20 -6.77 -9.04 2.27
C GLU C 20 -7.42 -10.39 1.87
N ASN C 21 -7.02 -10.98 0.74
CA ASN C 21 -7.46 -12.32 0.31
C ASN C 21 -6.51 -13.44 0.80
N GLU C 22 -5.22 -13.19 1.01
CA GLU C 22 -4.34 -14.11 1.75
C GLU C 22 -4.75 -14.23 3.23
N VAL C 23 -5.17 -13.13 3.86
CA VAL C 23 -5.83 -13.16 5.18
C VAL C 23 -7.06 -14.06 5.14
N ALA C 24 -7.92 -13.97 4.11
CA ALA C 24 -9.07 -14.85 3.97
C ALA C 24 -8.69 -16.34 3.81
N ARG C 25 -7.67 -16.66 3.00
CA ARG C 25 -7.15 -18.04 2.84
C ARG C 25 -6.65 -18.61 4.17
N LEU C 26 -5.87 -17.83 4.92
CA LEU C 26 -5.32 -18.26 6.22
C LEU C 26 -6.42 -18.35 7.30
N LYS C 27 -7.39 -17.44 7.32
CA LYS C 27 -8.57 -17.53 8.20
C LYS C 27 -9.37 -18.81 7.94
N LYS C 28 -9.62 -19.17 6.68
CA LYS C 28 -10.29 -20.43 6.30
C LYS C 28 -9.54 -21.67 6.82
N LEU C 29 -8.21 -21.63 6.93
CA LEU C 29 -7.43 -22.74 7.50
C LEU C 29 -7.54 -22.81 9.04
N VAL C 30 -7.57 -21.68 9.74
CA VAL C 30 -7.76 -21.60 11.21
C VAL C 30 -9.20 -21.92 11.65
N GLY C 31 -10.19 -21.58 10.82
CA GLY C 31 -11.62 -21.51 11.21
C GLY C 31 -12.02 -20.15 11.80
N GLU C 32 -11.21 -19.11 11.57
CA GLU C 32 -11.46 -17.74 12.02
C GLU C 32 -12.52 -17.03 11.15
N ARG C 33 -13.21 -16.03 11.72
CA ARG C 33 -14.46 -15.45 11.20
C ARG C 33 -14.33 -14.03 10.64
#